data_8AHT
#
_entry.id   8AHT
#
_cell.length_a   37.900
_cell.length_b   60.680
_cell.length_c   68.450
_cell.angle_alpha   95.770
_cell.angle_beta   89.990
_cell.angle_gamma   97.050
#
_symmetry.space_group_name_H-M   'P 1'
#
loop_
_entity.id
_entity.type
_entity.pdbx_description
1 polymer Calmodulin
2 polymer Melittin
3 non-polymer 'CALCIUM ION'
4 water water
#
loop_
_entity_poly.entity_id
_entity_poly.type
_entity_poly.pdbx_seq_one_letter_code
_entity_poly.pdbx_strand_id
1 'polypeptide(L)'
;MADKLTEEQISEFKEAFSLFDKDGDGTITTKELGTVMRSLGQNPTEAELQDMINEIDTDGNGTIDFPEFLTLMARKLKDT
DTEEELIEAFRVFDRDGDGYISADELRHVMTNLGEKLTNEEVDEMIREADIDGDGQINYEEFVKMMIAK
;
A,B,C,D
2 'polypeptide(L)' GIGAVLKVLTTGLPALISWIKRKRQQ F,G,H,I
#
# COMPACT_ATOMS: atom_id res chain seq x y z
N LYS A 4 2.88 6.37 -23.85
CA LYS A 4 3.98 7.31 -23.71
C LYS A 4 3.77 8.21 -22.50
N LEU A 5 3.97 7.63 -21.31
CA LEU A 5 3.79 8.34 -20.05
C LEU A 5 4.63 9.61 -20.03
N THR A 6 4.05 10.67 -19.47
CA THR A 6 4.70 11.96 -19.42
C THR A 6 4.82 12.45 -17.98
N GLU A 7 5.67 13.47 -17.79
CA GLU A 7 5.94 13.95 -16.44
C GLU A 7 4.71 14.59 -15.82
N GLU A 8 3.97 15.37 -16.60
CA GLU A 8 2.77 16.02 -16.07
C GLU A 8 1.76 14.98 -15.62
N GLN A 9 1.58 13.91 -16.41
CA GLN A 9 0.63 12.88 -16.03
CA GLN A 9 0.63 12.88 -16.03
C GLN A 9 1.01 12.23 -14.71
N ILE A 10 2.31 11.99 -14.51
CA ILE A 10 2.76 11.38 -13.25
C ILE A 10 2.50 12.34 -12.10
N SER A 11 2.72 13.64 -12.32
CA SER A 11 2.40 14.61 -11.29
C SER A 11 0.93 14.58 -10.94
N GLU A 12 0.05 14.41 -11.93
CA GLU A 12 -1.40 14.38 -11.68
C GLU A 12 -1.77 13.11 -10.92
N PHE A 13 -1.19 11.96 -11.33
CA PHE A 13 -1.40 10.70 -10.61
C PHE A 13 -0.98 10.82 -9.15
N LYS A 14 0.14 11.49 -8.88
CA LYS A 14 0.65 11.65 -7.52
C LYS A 14 -0.18 12.64 -6.72
N GLU A 15 -0.66 13.72 -7.35
CA GLU A 15 -1.60 14.61 -6.67
C GLU A 15 -2.84 13.84 -6.23
N ALA A 16 -3.40 13.05 -7.16
CA ALA A 16 -4.57 12.22 -6.84
C ALA A 16 -4.26 11.28 -5.70
N PHE A 17 -3.13 10.57 -5.78
CA PHE A 17 -2.76 9.63 -4.73
C PHE A 17 -2.57 10.33 -3.39
N SER A 18 -2.04 11.55 -3.41
CA SER A 18 -1.89 12.34 -2.18
C SER A 18 -3.25 12.70 -1.60
N LEU A 19 -4.27 12.88 -2.45
CA LEU A 19 -5.61 13.13 -1.93
C LEU A 19 -6.13 11.96 -1.11
N PHE A 20 -5.63 10.74 -1.35
CA PHE A 20 -6.04 9.56 -0.61
C PHE A 20 -5.05 9.18 0.50
N ASP A 21 -3.75 9.19 0.22
CA ASP A 21 -2.73 8.82 1.20
C ASP A 21 -2.53 10.00 2.16
N LYS A 22 -3.41 10.05 3.16
CA LYS A 22 -3.45 11.23 4.03
C LYS A 22 -2.17 11.37 4.85
N ASP A 23 -1.73 10.30 5.50
CA ASP A 23 -0.52 10.37 6.30
C ASP A 23 0.75 10.34 5.46
N GLY A 24 0.63 10.07 4.17
CA GLY A 24 1.77 10.11 3.27
C GLY A 24 2.81 9.06 3.52
N ASP A 25 2.40 7.87 3.96
CA ASP A 25 3.34 6.78 4.22
C ASP A 25 3.43 5.80 3.06
N GLY A 26 2.81 6.11 1.92
CA GLY A 26 2.96 5.34 0.73
C GLY A 26 1.80 4.40 0.41
N THR A 27 0.96 4.08 1.39
CA THR A 27 -0.17 3.20 1.16
C THR A 27 -1.44 3.80 1.75
N ILE A 28 -2.57 3.47 1.14
CA ILE A 28 -3.89 3.91 1.58
C ILE A 28 -4.52 2.80 2.39
N THR A 29 -4.91 3.10 3.62
CA THR A 29 -5.56 2.15 4.49
C THR A 29 -7.08 2.24 4.33
N THR A 30 -7.79 1.31 4.98
CA THR A 30 -9.24 1.41 5.01
C THR A 30 -9.67 2.68 5.73
N LYS A 31 -8.93 3.09 6.76
CA LYS A 31 -9.27 4.29 7.50
C LYS A 31 -9.15 5.53 6.62
N GLU A 32 -8.05 5.64 5.87
CA GLU A 32 -7.86 6.80 5.01
C GLU A 32 -8.87 6.81 3.86
N LEU A 33 -9.08 5.66 3.22
CA LEU A 33 -10.08 5.59 2.16
C LEU A 33 -11.45 5.96 2.68
N GLY A 34 -11.82 5.44 3.85
CA GLY A 34 -13.12 5.76 4.41
C GLY A 34 -13.27 7.23 4.76
N THR A 35 -12.21 7.84 5.31
CA THR A 35 -12.27 9.27 5.60
C THR A 35 -12.48 10.06 4.32
N VAL A 36 -11.72 9.73 3.26
CA VAL A 36 -11.85 10.47 2.02
C VAL A 36 -13.25 10.29 1.43
N MET A 37 -13.78 9.07 1.46
CA MET A 37 -15.12 8.84 0.92
C MET A 37 -16.19 9.55 1.75
N ARG A 38 -16.00 9.63 3.07
CA ARG A 38 -16.96 10.37 3.89
CA ARG A 38 -16.95 10.37 3.91
C ARG A 38 -16.91 11.86 3.61
N SER A 39 -15.72 12.38 3.31
CA SER A 39 -15.60 13.80 2.97
C SER A 39 -16.41 14.16 1.74
N LEU A 40 -16.81 13.17 0.93
CA LEU A 40 -17.61 13.41 -0.27
C LEU A 40 -19.01 12.80 -0.16
N GLY A 41 -19.52 12.69 1.06
CA GLY A 41 -20.92 12.37 1.25
C GLY A 41 -21.29 10.91 1.07
N GLN A 42 -20.42 10.00 1.50
CA GLN A 42 -20.69 8.57 1.42
C GLN A 42 -20.24 7.92 2.71
N ASN A 43 -20.91 6.83 3.06
CA ASN A 43 -20.68 6.14 4.34
C ASN A 43 -20.43 4.66 4.05
N PRO A 44 -19.31 4.34 3.43
CA PRO A 44 -18.98 2.92 3.21
C PRO A 44 -18.61 2.25 4.53
N THR A 45 -19.02 0.99 4.66
CA THR A 45 -18.72 0.23 5.85
C THR A 45 -17.29 -0.31 5.78
N GLU A 46 -16.79 -0.75 6.94
CA GLU A 46 -15.47 -1.38 6.97
C GLU A 46 -15.38 -2.51 5.96
N ALA A 47 -16.41 -3.35 5.90
CA ALA A 47 -16.37 -4.49 4.99
C ALA A 47 -16.38 -4.05 3.54
N GLU A 48 -17.16 -3.01 3.21
CA GLU A 48 -17.18 -2.53 1.83
C GLU A 48 -15.84 -1.95 1.42
N LEU A 49 -15.18 -1.21 2.32
CA LEU A 49 -13.86 -0.68 2.01
C LEU A 49 -12.85 -1.80 1.83
N GLN A 50 -12.89 -2.81 2.71
CA GLN A 50 -12.00 -3.96 2.58
C GLN A 50 -12.25 -4.68 1.25
N ASP A 51 -13.51 -4.77 0.82
CA ASP A 51 -13.81 -5.38 -0.46
C ASP A 51 -13.23 -4.56 -1.60
N MET A 52 -13.43 -3.24 -1.57
CA MET A 52 -12.86 -2.38 -2.59
C MET A 52 -11.36 -2.62 -2.73
N ILE A 53 -10.64 -2.58 -1.60
CA ILE A 53 -9.19 -2.75 -1.66
C ILE A 53 -8.84 -4.16 -2.11
N ASN A 54 -9.64 -5.16 -1.74
CA ASN A 54 -9.31 -6.54 -2.05
C ASN A 54 -9.36 -6.81 -3.55
N GLU A 55 -10.25 -6.12 -4.28
CA GLU A 55 -10.36 -6.36 -5.70
C GLU A 55 -9.12 -5.92 -6.47
N ILE A 56 -8.28 -5.08 -5.88
CA ILE A 56 -7.09 -4.56 -6.54
C ILE A 56 -5.81 -4.87 -5.78
N ASP A 57 -5.91 -5.56 -4.64
CA ASP A 57 -4.73 -5.83 -3.83
C ASP A 57 -3.85 -6.87 -4.51
N THR A 58 -2.56 -6.56 -4.65
CA THR A 58 -1.62 -7.49 -5.26
C THR A 58 -0.60 -8.05 -4.28
N ASP A 59 -0.40 -7.42 -3.13
CA ASP A 59 0.54 -7.91 -2.12
C ASP A 59 -0.16 -8.28 -0.82
N GLY A 60 -1.47 -8.51 -0.87
CA GLY A 60 -2.21 -9.10 0.23
C GLY A 60 -1.98 -8.49 1.60
N ASN A 61 -2.00 -7.16 1.69
CA ASN A 61 -1.90 -6.47 2.97
C ASN A 61 -3.09 -5.57 3.27
N GLY A 62 -4.10 -5.54 2.41
CA GLY A 62 -5.29 -4.76 2.70
C GLY A 62 -5.14 -3.27 2.57
N THR A 63 -4.07 -2.81 1.92
CA THR A 63 -3.86 -1.39 1.69
C THR A 63 -3.54 -1.17 0.22
N ILE A 64 -3.71 0.06 -0.22
CA ILE A 64 -3.52 0.44 -1.62
C ILE A 64 -2.17 1.12 -1.75
N ASP A 65 -1.29 0.56 -2.59
CA ASP A 65 -0.07 1.25 -2.98
C ASP A 65 -0.32 1.92 -4.33
N PHE A 66 0.73 2.54 -4.88
CA PHE A 66 0.56 3.37 -6.06
C PHE A 66 0.08 2.58 -7.28
N PRO A 67 0.75 1.51 -7.71
CA PRO A 67 0.23 0.75 -8.86
C PRO A 67 -1.17 0.23 -8.64
N GLU A 68 -1.46 -0.26 -7.43
CA GLU A 68 -2.80 -0.71 -7.12
C GLU A 68 -3.80 0.44 -7.22
N PHE A 69 -3.37 1.67 -6.92
CA PHE A 69 -4.25 2.82 -7.02
C PHE A 69 -4.53 3.17 -8.49
N LEU A 70 -3.50 3.15 -9.33
CA LEU A 70 -3.71 3.34 -10.76
C LEU A 70 -4.66 2.27 -11.31
N THR A 71 -4.52 1.03 -10.84
CA THR A 71 -5.41 -0.03 -11.28
C THR A 71 -6.84 0.22 -10.82
N LEU A 72 -7.01 0.68 -9.57
CA LEU A 72 -8.32 1.09 -9.10
C LEU A 72 -8.94 2.11 -10.04
N MET A 73 -8.16 3.13 -10.41
CA MET A 73 -8.66 4.12 -11.36
C MET A 73 -9.10 3.46 -12.66
N ALA A 74 -8.24 2.62 -13.23
CA ALA A 74 -8.57 1.97 -14.49
C ALA A 74 -9.84 1.13 -14.40
N ARG A 75 -10.08 0.53 -13.23
CA ARG A 75 -11.20 -0.40 -13.10
C ARG A 75 -12.52 0.30 -12.78
N LYS A 76 -12.49 1.33 -11.93
CA LYS A 76 -13.71 1.93 -11.39
C LYS A 76 -14.08 3.28 -11.98
N LEU A 77 -13.17 3.93 -12.73
CA LEU A 77 -13.52 5.15 -13.43
C LEU A 77 -14.28 4.82 -14.71
N LYS A 78 -15.23 5.69 -15.07
CA LYS A 78 -16.05 5.45 -16.25
C LYS A 78 -16.24 6.74 -17.04
N ASP A 79 -16.47 6.57 -18.34
CA ASP A 79 -16.72 7.70 -19.23
C ASP A 79 -18.11 8.27 -18.99
N GLU A 85 -24.92 10.59 -9.21
CA GLU A 85 -23.68 10.35 -8.49
C GLU A 85 -22.88 11.64 -8.38
N LEU A 86 -22.86 12.41 -9.47
CA LEU A 86 -22.17 13.70 -9.46
C LEU A 86 -22.96 14.75 -8.67
N ILE A 87 -24.28 14.66 -8.67
CA ILE A 87 -25.08 15.65 -7.97
C ILE A 87 -24.84 15.59 -6.47
N GLU A 88 -24.61 14.39 -5.93
CA GLU A 88 -24.29 14.26 -4.51
C GLU A 88 -22.99 14.99 -4.18
N ALA A 89 -21.95 14.76 -5.00
CA ALA A 89 -20.67 15.43 -4.76
C ALA A 89 -20.81 16.94 -4.89
N PHE A 90 -21.55 17.39 -5.91
CA PHE A 90 -21.78 18.83 -6.05
C PHE A 90 -22.46 19.40 -4.82
N ARG A 91 -23.48 18.71 -4.30
CA ARG A 91 -24.14 19.17 -3.09
C ARG A 91 -23.14 19.23 -1.93
N VAL A 92 -22.24 18.25 -1.86
CA VAL A 92 -21.19 18.29 -0.84
C VAL A 92 -20.38 19.57 -0.96
N PHE A 93 -19.92 19.89 -2.18
CA PHE A 93 -19.15 21.11 -2.38
C PHE A 93 -19.97 22.35 -2.04
N ASP A 94 -21.24 22.38 -2.46
CA ASP A 94 -22.12 23.53 -2.28
C ASP A 94 -22.59 23.55 -0.82
N ARG A 95 -21.84 24.26 0.02
CA ARG A 95 -22.12 24.23 1.45
C ARG A 95 -23.43 24.95 1.77
N ASP A 96 -23.60 26.17 1.27
CA ASP A 96 -24.79 26.96 1.58
C ASP A 96 -25.99 26.59 0.70
N GLY A 97 -25.83 25.63 -0.20
CA GLY A 97 -26.97 25.08 -0.93
C GLY A 97 -27.62 26.02 -1.92
N ASP A 98 -26.92 27.07 -2.36
CA ASP A 98 -27.49 28.02 -3.30
C ASP A 98 -27.30 27.61 -4.76
N GLY A 99 -26.74 26.42 -5.00
CA GLY A 99 -26.49 25.97 -6.35
C GLY A 99 -25.18 26.43 -6.96
N TYR A 100 -24.30 27.04 -6.16
CA TYR A 100 -23.02 27.52 -6.66
C TYR A 100 -21.94 27.20 -5.64
N ILE A 101 -20.71 27.06 -6.14
CA ILE A 101 -19.54 26.80 -5.30
C ILE A 101 -18.66 28.05 -5.35
N SER A 102 -18.56 28.74 -4.22
CA SER A 102 -17.76 29.95 -4.14
C SER A 102 -16.29 29.59 -3.90
N ALA A 103 -15.45 30.63 -3.79
CA ALA A 103 -14.03 30.40 -3.54
C ALA A 103 -13.80 29.79 -2.16
N ASP A 104 -14.52 30.27 -1.14
CA ASP A 104 -14.32 29.74 0.21
C ASP A 104 -14.84 28.32 0.34
N GLU A 105 -15.91 27.98 -0.37
CA GLU A 105 -16.43 26.62 -0.32
C GLU A 105 -15.46 25.64 -0.98
N LEU A 106 -14.96 25.99 -2.16
CA LEU A 106 -13.91 25.20 -2.79
C LEU A 106 -12.68 25.10 -1.90
N ARG A 107 -12.28 26.22 -1.29
CA ARG A 107 -11.12 26.21 -0.42
C ARG A 107 -11.32 25.28 0.77
N HIS A 108 -12.52 25.25 1.35
CA HIS A 108 -12.75 24.35 2.46
C HIS A 108 -12.72 22.91 2.02
N VAL A 109 -13.32 22.60 0.87
CA VAL A 109 -13.25 21.23 0.36
C VAL A 109 -11.79 20.84 0.16
N MET A 110 -10.98 21.73 -0.42
CA MET A 110 -9.56 21.45 -0.62
C MET A 110 -8.85 21.19 0.71
N THR A 111 -9.09 22.05 1.70
CA THR A 111 -8.47 21.87 3.01
C THR A 111 -8.86 20.53 3.62
N ASN A 112 -10.15 20.25 3.66
CA ASN A 112 -10.64 18.99 4.23
C ASN A 112 -9.98 17.80 3.55
N LEU A 113 -9.70 17.90 2.26
CA LEU A 113 -9.03 16.84 1.53
C LEU A 113 -7.52 16.84 1.74
N GLY A 114 -7.02 17.63 2.67
CA GLY A 114 -5.59 17.66 2.96
C GLY A 114 -4.76 18.42 1.96
N GLU A 115 -5.37 19.27 1.15
CA GLU A 115 -4.67 20.00 0.11
C GLU A 115 -4.43 21.43 0.58
N LYS A 116 -3.17 21.84 0.58
CA LYS A 116 -2.77 23.18 1.03
C LYS A 116 -2.53 24.05 -0.19
N LEU A 117 -3.47 24.95 -0.47
CA LEU A 117 -3.39 25.87 -1.59
C LEU A 117 -3.52 27.31 -1.11
N THR A 118 -2.77 28.21 -1.74
CA THR A 118 -2.88 29.63 -1.43
C THR A 118 -4.16 30.21 -2.04
N ASN A 119 -4.47 31.44 -1.65
CA ASN A 119 -5.70 32.10 -2.09
C ASN A 119 -5.73 32.29 -3.60
N GLU A 120 -4.66 32.88 -4.15
CA GLU A 120 -4.62 33.12 -5.60
C GLU A 120 -4.70 31.82 -6.37
N GLU A 121 -4.17 30.71 -5.83
CA GLU A 121 -4.27 29.43 -6.52
C GLU A 121 -5.73 28.98 -6.60
N VAL A 122 -6.49 29.14 -5.51
CA VAL A 122 -7.92 28.82 -5.55
C VAL A 122 -8.62 29.71 -6.57
N ASP A 123 -8.27 30.99 -6.61
CA ASP A 123 -8.88 31.88 -7.60
C ASP A 123 -8.56 31.42 -9.02
N GLU A 124 -7.35 30.89 -9.22
CA GLU A 124 -6.99 30.39 -10.55
C GLU A 124 -7.79 29.14 -10.91
N MET A 125 -8.04 28.27 -9.92
CA MET A 125 -8.91 27.12 -10.17
C MET A 125 -10.30 27.58 -10.60
N ILE A 126 -10.86 28.56 -9.89
CA ILE A 126 -12.15 29.12 -10.27
C ILE A 126 -12.10 29.64 -11.69
N ARG A 127 -11.07 30.45 -12.00
CA ARG A 127 -10.95 31.03 -13.33
C ARG A 127 -10.95 29.95 -14.40
N GLU A 128 -10.23 28.85 -14.14
CA GLU A 128 -10.17 27.77 -15.11
C GLU A 128 -11.53 27.10 -15.29
N ALA A 129 -12.27 26.90 -14.20
CA ALA A 129 -13.53 26.15 -14.31
C ALA A 129 -14.77 27.02 -14.46
N ASP A 130 -14.66 28.34 -14.30
CA ASP A 130 -15.83 29.22 -14.34
C ASP A 130 -16.03 29.66 -15.78
N ILE A 131 -16.98 29.03 -16.47
CA ILE A 131 -17.18 29.31 -17.89
C ILE A 131 -17.94 30.61 -18.09
N ASP A 132 -19.10 30.74 -17.46
CA ASP A 132 -19.95 31.93 -17.63
C ASP A 132 -19.43 33.12 -16.83
N GLY A 133 -18.27 33.00 -16.18
CA GLY A 133 -17.57 34.15 -15.64
C GLY A 133 -18.20 34.83 -14.45
N ASP A 134 -19.12 34.17 -13.75
CA ASP A 134 -19.76 34.77 -12.60
C ASP A 134 -18.93 34.65 -11.32
N GLY A 135 -17.79 33.97 -11.37
CA GLY A 135 -16.94 33.84 -10.20
C GLY A 135 -17.26 32.66 -9.31
N GLN A 136 -18.24 31.85 -9.67
CA GLN A 136 -18.59 30.65 -8.91
C GLN A 136 -18.80 29.51 -9.90
N ILE A 137 -18.86 28.30 -9.38
CA ILE A 137 -18.99 27.10 -10.19
C ILE A 137 -20.38 26.49 -9.97
N ASN A 138 -21.18 26.43 -11.01
CA ASN A 138 -22.51 25.82 -10.91
C ASN A 138 -22.35 24.33 -11.21
N TYR A 139 -23.47 23.62 -11.33
CA TYR A 139 -23.38 22.17 -11.48
C TYR A 139 -22.80 21.78 -12.83
N GLU A 140 -23.20 22.45 -13.91
CA GLU A 140 -22.67 22.12 -15.23
C GLU A 140 -21.15 22.31 -15.26
N GLU A 141 -20.68 23.44 -14.73
CA GLU A 141 -19.24 23.69 -14.67
C GLU A 141 -18.54 22.70 -13.75
N PHE A 142 -19.20 22.28 -12.67
CA PHE A 142 -18.61 21.27 -11.79
C PHE A 142 -18.42 19.96 -12.53
N VAL A 143 -19.43 19.54 -13.31
CA VAL A 143 -19.32 18.28 -14.05
C VAL A 143 -18.25 18.39 -15.13
N LYS A 144 -18.23 19.49 -15.86
CA LYS A 144 -17.24 19.68 -16.91
C LYS A 144 -15.83 19.73 -16.32
N MET A 145 -15.69 20.28 -15.12
CA MET A 145 -14.36 20.39 -14.52
C MET A 145 -13.83 19.02 -14.13
N MET A 146 -14.71 18.05 -13.91
CA MET A 146 -14.26 16.75 -13.43
C MET A 146 -14.05 15.83 -14.61
N ILE A 147 -13.62 16.42 -15.74
CA ILE A 147 -13.34 15.66 -16.97
C ILE A 147 -11.99 16.12 -17.52
N ALA A 148 -11.80 17.44 -17.61
CA ALA A 148 -10.55 18.01 -18.11
C ALA A 148 -9.39 17.68 -17.18
N LYS B 4 -9.39 20.05 45.81
CA LYS B 4 -8.21 20.00 46.67
C LYS B 4 -6.95 19.68 45.85
N LEU B 5 -6.50 20.67 45.08
CA LEU B 5 -5.32 20.48 44.25
C LEU B 5 -4.11 20.09 45.08
N THR B 6 -3.38 19.08 44.61
CA THR B 6 -2.16 18.60 45.26
C THR B 6 -1.03 18.52 44.24
N GLU B 7 0.20 18.39 44.75
CA GLU B 7 1.37 18.52 43.91
C GLU B 7 1.46 17.42 42.85
N GLU B 8 1.12 16.18 43.21
CA GLU B 8 1.20 15.09 42.24
C GLU B 8 0.28 15.33 41.06
N GLN B 9 -0.93 15.81 41.32
CA GLN B 9 -1.86 16.16 40.24
C GLN B 9 -1.21 17.17 39.29
N ILE B 10 -0.56 18.18 39.84
CA ILE B 10 0.10 19.19 39.01
C ILE B 10 1.25 18.57 38.22
N SER B 11 1.99 17.66 38.85
CA SER B 11 3.10 17.01 38.15
CA SER B 11 3.10 17.01 38.15
C SER B 11 2.60 16.21 36.95
N GLU B 12 1.47 15.52 37.14
CA GLU B 12 0.87 14.79 36.02
C GLU B 12 0.39 15.74 34.94
N PHE B 13 -0.25 16.83 35.33
CA PHE B 13 -0.66 17.83 34.34
C PHE B 13 0.54 18.33 33.55
N LYS B 14 1.68 18.48 34.22
CA LYS B 14 2.84 19.05 33.55
C LYS B 14 3.49 18.04 32.62
N GLU B 15 3.49 16.76 33.04
CA GLU B 15 3.93 15.70 32.14
C GLU B 15 3.07 15.68 30.88
N ALA B 16 1.74 15.72 31.05
CA ALA B 16 0.84 15.75 29.90
C ALA B 16 1.17 16.93 28.99
N PHE B 17 1.35 18.11 29.59
CA PHE B 17 1.65 19.30 28.78
C PHE B 17 2.98 19.14 28.04
N SER B 18 3.97 18.52 28.68
CA SER B 18 5.25 18.30 28.02
C SER B 18 5.11 17.35 26.84
N LEU B 19 4.15 16.43 26.90
CA LEU B 19 3.93 15.54 25.78
C LEU B 19 3.55 16.30 24.51
N PHE B 20 2.95 17.48 24.64
CA PHE B 20 2.52 18.29 23.50
C PHE B 20 3.50 19.41 23.17
N ASP B 21 4.00 20.10 24.18
CA ASP B 21 4.91 21.24 23.99
C ASP B 21 6.30 20.69 23.68
N LYS B 22 6.51 20.39 22.39
CA LYS B 22 7.69 19.64 21.97
C LYS B 22 8.98 20.42 22.27
N ASP B 23 9.04 21.68 21.81
CA ASP B 23 10.23 22.48 22.04
C ASP B 23 10.29 23.06 23.45
N GLY B 24 9.24 22.92 24.24
CA GLY B 24 9.26 23.38 25.61
C GLY B 24 9.35 24.87 25.78
N ASP B 25 8.72 25.64 24.90
CA ASP B 25 8.75 27.10 24.95
C ASP B 25 7.56 27.70 25.68
N GLY B 26 6.75 26.87 26.33
CA GLY B 26 5.67 27.34 27.16
C GLY B 26 4.29 27.29 26.53
N THR B 27 4.22 27.22 25.21
CA THR B 27 2.95 27.14 24.50
C THR B 27 3.01 26.03 23.47
N ILE B 28 1.84 25.46 23.18
CA ILE B 28 1.70 24.41 22.18
C ILE B 28 1.23 25.07 20.89
N THR B 29 1.96 24.86 19.80
CA THR B 29 1.60 25.41 18.51
C THR B 29 0.71 24.44 17.75
N THR B 30 0.21 24.88 16.60
CA THR B 30 -0.56 23.99 15.75
C THR B 30 0.30 22.85 15.22
N LYS B 31 1.58 23.13 14.95
CA LYS B 31 2.47 22.10 14.44
C LYS B 31 2.69 21.01 15.48
N GLU B 32 2.94 21.40 16.73
CA GLU B 32 3.19 20.42 17.79
C GLU B 32 1.94 19.60 18.10
N LEU B 33 0.79 20.25 18.17
CA LEU B 33 -0.47 19.53 18.39
C LEU B 33 -0.73 18.55 17.26
N GLY B 34 -0.53 19.00 16.02
CA GLY B 34 -0.75 18.12 14.89
C GLY B 34 0.21 16.96 14.87
N THR B 35 1.47 17.20 15.26
CA THR B 35 2.44 16.12 15.36
C THR B 35 1.98 15.07 16.36
N VAL B 36 1.54 15.52 17.54
CA VAL B 36 1.09 14.56 18.55
C VAL B 36 -0.11 13.77 18.04
N MET B 37 -1.06 14.46 17.40
CA MET B 37 -2.23 13.75 16.89
C MET B 37 -1.86 12.79 15.77
N ARG B 38 -0.86 13.13 14.96
CA ARG B 38 -0.37 12.20 13.95
C ARG B 38 0.24 10.96 14.60
N SER B 39 1.04 11.16 15.66
CA SER B 39 1.71 10.04 16.29
C SER B 39 0.73 9.01 16.85
N LEU B 40 -0.53 9.37 17.02
CA LEU B 40 -1.54 8.44 17.50
C LEU B 40 -2.59 8.14 16.41
N GLY B 41 -2.18 8.21 15.15
CA GLY B 41 -3.00 7.69 14.07
C GLY B 41 -4.14 8.57 13.62
N GLN B 42 -3.94 9.88 13.57
CA GLN B 42 -4.97 10.81 13.13
C GLN B 42 -4.31 11.87 12.25
N ASN B 43 -5.10 12.42 11.33
CA ASN B 43 -4.61 13.41 10.37
C ASN B 43 -5.51 14.64 10.40
N PRO B 44 -5.46 15.41 11.49
CA PRO B 44 -6.18 16.69 11.52
C PRO B 44 -5.53 17.69 10.60
N THR B 45 -6.35 18.49 9.92
CA THR B 45 -5.84 19.49 9.00
C THR B 45 -5.43 20.76 9.75
N GLU B 46 -4.68 21.62 9.05
CA GLU B 46 -4.30 22.90 9.63
C GLU B 46 -5.51 23.65 10.16
N ALA B 47 -6.59 23.68 9.38
CA ALA B 47 -7.78 24.41 9.80
C ALA B 47 -8.43 23.76 11.01
N GLU B 48 -8.46 22.43 11.06
CA GLU B 48 -9.03 21.75 12.22
C GLU B 48 -8.24 22.03 13.48
N LEU B 49 -6.91 22.03 13.38
CA LEU B 49 -6.07 22.36 14.53
C LEU B 49 -6.27 23.81 14.97
N GLN B 50 -6.34 24.73 14.02
CA GLN B 50 -6.61 26.12 14.38
C GLN B 50 -7.97 26.25 15.06
N ASP B 51 -8.96 25.47 14.61
CA ASP B 51 -10.27 25.47 15.25
C ASP B 51 -10.18 24.95 16.67
N MET B 52 -9.50 23.82 16.87
CA MET B 52 -9.34 23.27 18.20
C MET B 52 -8.75 24.30 19.15
N ILE B 53 -7.64 24.93 18.73
CA ILE B 53 -6.96 25.90 19.59
C ILE B 53 -7.82 27.13 19.81
N ASN B 54 -8.59 27.54 18.79
CA ASN B 54 -9.37 28.76 18.90
C ASN B 54 -10.49 28.64 19.92
N GLU B 55 -11.02 27.43 20.11
CA GLU B 55 -12.13 27.24 21.04
C GLU B 55 -11.71 27.45 22.49
N ILE B 56 -10.42 27.36 22.79
CA ILE B 56 -9.90 27.52 24.14
C ILE B 56 -8.85 28.63 24.24
N ASP B 57 -8.57 29.34 23.15
CA ASP B 57 -7.59 30.42 23.19
C ASP B 57 -8.17 31.62 23.92
N THR B 58 -7.43 32.13 24.90
CA THR B 58 -7.87 33.29 25.67
C THR B 58 -7.08 34.56 25.43
N ASP B 59 -5.88 34.46 24.84
CA ASP B 59 -5.07 35.64 24.54
C ASP B 59 -4.82 35.80 23.04
N GLY B 60 -5.65 35.18 22.21
CA GLY B 60 -5.65 35.45 20.78
C GLY B 60 -4.30 35.38 20.10
N ASN B 61 -3.51 34.35 20.39
CA ASN B 61 -2.24 34.13 19.71
C ASN B 61 -2.18 32.78 19.00
N GLY B 62 -3.27 32.01 19.02
CA GLY B 62 -3.31 30.77 18.27
C GLY B 62 -2.50 29.64 18.83
N THR B 63 -2.06 29.74 20.08
CA THR B 63 -1.29 28.69 20.73
C THR B 63 -1.90 28.39 22.10
N ILE B 64 -1.57 27.21 22.62
CA ILE B 64 -2.12 26.71 23.87
C ILE B 64 -1.08 26.93 24.97
N ASP B 65 -1.46 27.67 26.01
CA ASP B 65 -0.66 27.74 27.21
C ASP B 65 -1.19 26.74 28.23
N PHE B 66 -0.59 26.73 29.42
CA PHE B 66 -0.91 25.70 30.40
C PHE B 66 -2.38 25.75 30.84
N PRO B 67 -2.90 26.87 31.34
CA PRO B 67 -4.34 26.88 31.70
C PRO B 67 -5.25 26.56 30.52
N GLU B 68 -4.93 27.08 29.32
CA GLU B 68 -5.72 26.74 28.14
C GLU B 68 -5.66 25.24 27.85
N PHE B 69 -4.53 24.59 28.15
CA PHE B 69 -4.43 23.15 27.96
C PHE B 69 -5.30 22.40 28.97
N LEU B 70 -5.26 22.82 30.24
CA LEU B 70 -6.15 22.22 31.23
C LEU B 70 -7.61 22.38 30.81
N THR B 71 -7.96 23.53 30.22
CA THR B 71 -9.32 23.72 29.75
C THR B 71 -9.64 22.79 28.58
N LEU B 72 -8.70 22.62 27.66
CA LEU B 72 -8.87 21.64 26.59
C LEU B 72 -9.18 20.26 27.17
N MET B 73 -8.41 19.86 28.18
CA MET B 73 -8.68 18.59 28.86
C MET B 73 -10.10 18.54 29.39
N ALA B 74 -10.50 19.57 30.14
CA ALA B 74 -11.83 19.59 30.73
C ALA B 74 -12.92 19.48 29.66
N ARG B 75 -12.70 20.07 28.49
CA ARG B 75 -13.76 20.13 27.49
C ARG B 75 -13.83 18.85 26.65
N LYS B 76 -12.68 18.26 26.30
CA LYS B 76 -12.67 17.19 25.31
C LYS B 76 -12.52 15.80 25.90
N LEU B 77 -12.05 15.67 27.13
CA LEU B 77 -11.90 14.37 27.78
CA LEU B 77 -11.90 14.38 27.79
C LEU B 77 -13.21 13.97 28.43
N LYS B 78 -13.52 12.68 28.35
CA LYS B 78 -14.80 12.16 28.85
C LYS B 78 -14.59 10.76 29.41
N ASP B 79 -15.52 10.35 30.27
CA ASP B 79 -15.42 9.04 30.89
C ASP B 79 -15.67 7.92 29.87
N THR B 80 -16.68 8.08 29.03
CA THR B 80 -16.98 7.07 28.02
C THR B 80 -16.67 7.58 26.62
N GLU B 85 -12.41 3.08 18.60
CA GLU B 85 -11.62 4.24 19.00
C GLU B 85 -10.47 3.82 19.91
N LEU B 86 -10.73 2.91 20.84
CA LEU B 86 -9.68 2.39 21.71
C LEU B 86 -8.78 1.40 20.96
N ILE B 87 -9.38 0.62 20.07
CA ILE B 87 -8.60 -0.35 19.30
C ILE B 87 -7.62 0.38 18.39
N GLU B 88 -7.99 1.56 17.90
CA GLU B 88 -7.06 2.35 17.09
C GLU B 88 -5.81 2.70 17.87
N ALA B 89 -5.98 3.16 19.12
CA ALA B 89 -4.82 3.48 19.95
C ALA B 89 -4.00 2.24 20.23
N PHE B 90 -4.66 1.12 20.55
CA PHE B 90 -3.91 -0.11 20.80
C PHE B 90 -3.08 -0.50 19.57
N ARG B 91 -3.70 -0.42 18.38
CA ARG B 91 -2.98 -0.73 17.16
C ARG B 91 -1.80 0.23 16.96
N VAL B 92 -1.98 1.50 17.34
CA VAL B 92 -0.87 2.43 17.30
C VAL B 92 0.30 1.89 18.11
N PHE B 93 0.04 1.50 19.35
CA PHE B 93 1.10 0.96 20.18
C PHE B 93 1.60 -0.38 19.63
N ASP B 94 0.70 -1.25 19.20
CA ASP B 94 1.04 -2.60 18.74
C ASP B 94 1.61 -2.50 17.33
N ARG B 95 2.94 -2.38 17.24
CA ARG B 95 3.58 -2.12 15.96
C ARG B 95 3.49 -3.32 15.03
N ASP B 96 3.91 -4.50 15.49
CA ASP B 96 3.96 -5.67 14.63
C ASP B 96 2.63 -6.40 14.52
N GLY B 97 1.57 -5.89 15.15
CA GLY B 97 0.25 -6.45 14.94
C GLY B 97 0.03 -7.84 15.51
N ASP B 98 0.84 -8.25 16.48
CA ASP B 98 0.69 -9.57 17.09
C ASP B 98 -0.32 -9.57 18.23
N GLY B 99 -0.98 -8.44 18.48
CA GLY B 99 -1.93 -8.34 19.56
C GLY B 99 -1.33 -8.02 20.90
N TYR B 100 -0.04 -7.70 20.96
CA TYR B 100 0.63 -7.38 22.20
C TYR B 100 1.52 -6.17 21.97
N ILE B 101 1.79 -5.43 23.04
CA ILE B 101 2.68 -4.29 23.02
C ILE B 101 3.92 -4.71 23.81
N SER B 102 5.04 -4.86 23.11
CA SER B 102 6.26 -5.31 23.77
C SER B 102 6.94 -4.13 24.45
N ALA B 103 8.06 -4.40 25.11
CA ALA B 103 8.80 -3.34 25.76
C ALA B 103 9.36 -2.35 24.74
N ASP B 104 9.88 -2.87 23.62
CA ASP B 104 10.44 -1.97 22.62
C ASP B 104 9.38 -1.18 21.88
N GLU B 105 8.17 -1.74 21.71
CA GLU B 105 7.10 -0.99 21.07
C GLU B 105 6.63 0.16 21.96
N LEU B 106 6.41 -0.11 23.25
CA LEU B 106 6.12 0.96 24.19
C LEU B 106 7.25 1.99 24.20
N ARG B 107 8.50 1.51 24.15
CA ARG B 107 9.63 2.44 24.15
C ARG B 107 9.61 3.32 22.90
N HIS B 108 9.26 2.75 21.76
CA HIS B 108 9.23 3.54 20.53
C HIS B 108 8.14 4.60 20.60
N VAL B 109 6.95 4.25 21.10
CA VAL B 109 5.91 5.27 21.25
C VAL B 109 6.37 6.36 22.22
N MET B 110 6.92 5.96 23.36
CA MET B 110 7.38 6.94 24.35
C MET B 110 8.40 7.87 23.73
N THR B 111 9.39 7.31 23.03
CA THR B 111 10.42 8.11 22.38
C THR B 111 9.78 9.08 21.39
N ASN B 112 8.87 8.58 20.55
CA ASN B 112 8.22 9.45 19.58
CA ASN B 112 8.20 9.44 19.58
C ASN B 112 7.51 10.60 20.26
N LEU B 113 7.08 10.41 21.51
CA LEU B 113 6.45 11.49 22.27
C LEU B 113 7.46 12.38 22.99
N GLY B 114 8.75 12.23 22.71
CA GLY B 114 9.76 13.05 23.32
C GLY B 114 10.14 12.66 24.73
N GLU B 115 9.80 11.44 25.15
CA GLU B 115 10.07 10.97 26.50
C GLU B 115 11.26 10.01 26.49
N LYS B 116 12.27 10.32 27.30
CA LYS B 116 13.50 9.53 27.36
C LYS B 116 13.45 8.62 28.58
N LEU B 117 13.30 7.33 28.33
CA LEU B 117 13.24 6.32 29.39
C LEU B 117 14.34 5.30 29.16
N THR B 118 14.98 4.86 30.25
CA THR B 118 15.96 3.80 30.13
C THR B 118 15.26 2.46 29.93
N ASN B 119 16.05 1.43 29.66
CA ASN B 119 15.47 0.11 29.41
C ASN B 119 14.66 -0.36 30.62
N GLU B 120 15.28 -0.31 31.81
CA GLU B 120 14.60 -0.79 32.99
C GLU B 120 13.36 0.04 33.32
N GLU B 121 13.37 1.34 32.99
CA GLU B 121 12.19 2.18 33.22
C GLU B 121 11.01 1.70 32.39
N VAL B 122 11.25 1.41 31.09
CA VAL B 122 10.20 0.87 30.23
C VAL B 122 9.73 -0.48 30.76
N ASP B 123 10.68 -1.32 31.20
CA ASP B 123 10.32 -2.63 31.75
C ASP B 123 9.47 -2.47 33.01
N GLU B 124 9.75 -1.45 33.84
CA GLU B 124 8.94 -1.21 35.03
C GLU B 124 7.54 -0.75 34.67
N MET B 125 7.39 0.07 33.62
CA MET B 125 6.06 0.45 33.16
C MET B 125 5.28 -0.77 32.70
N ILE B 126 5.94 -1.62 31.90
CA ILE B 126 5.33 -2.87 31.40
C ILE B 126 4.89 -3.74 32.58
N ARG B 127 5.81 -4.00 33.51
CA ARG B 127 5.51 -4.81 34.69
C ARG B 127 4.34 -4.23 35.48
N GLU B 128 4.30 -2.90 35.65
CA GLU B 128 3.20 -2.30 36.40
C GLU B 128 1.87 -2.59 35.72
N ALA B 129 1.85 -2.55 34.39
CA ALA B 129 0.61 -2.76 33.66
C ALA B 129 0.36 -4.21 33.24
N ASP B 130 1.34 -5.10 33.45
CA ASP B 130 1.25 -6.48 32.96
C ASP B 130 0.60 -7.37 34.02
N ILE B 131 -0.68 -7.69 33.80
CA ILE B 131 -1.42 -8.49 34.77
C ILE B 131 -1.07 -9.97 34.63
N ASP B 132 -1.21 -10.52 33.42
CA ASP B 132 -1.01 -11.94 33.23
C ASP B 132 0.46 -12.35 33.19
N GLY B 133 1.37 -11.41 33.39
CA GLY B 133 2.76 -11.76 33.61
C GLY B 133 3.49 -12.36 32.43
N ASP B 134 2.95 -12.23 31.22
CA ASP B 134 3.60 -12.79 30.05
C ASP B 134 4.69 -11.89 29.47
N GLY B 135 4.89 -10.71 30.04
CA GLY B 135 5.93 -9.80 29.60
C GLY B 135 5.53 -8.82 28.52
N GLN B 136 4.28 -8.86 28.06
CA GLN B 136 3.78 -7.91 27.07
C GLN B 136 2.40 -7.43 27.51
N ILE B 137 1.94 -6.35 26.88
CA ILE B 137 0.67 -5.72 27.19
C ILE B 137 -0.31 -6.09 26.10
N ASN B 138 -1.41 -6.71 26.47
CA ASN B 138 -2.50 -7.01 25.55
C ASN B 138 -3.59 -5.93 25.66
N TYR B 139 -4.71 -6.16 24.97
CA TYR B 139 -5.72 -5.10 24.86
C TYR B 139 -6.41 -4.83 26.19
N GLU B 140 -6.71 -5.88 26.95
CA GLU B 140 -7.34 -5.67 28.26
C GLU B 140 -6.44 -4.84 29.18
N GLU B 141 -5.16 -5.20 29.27
CA GLU B 141 -4.23 -4.46 30.12
C GLU B 141 -4.02 -3.03 29.62
N PHE B 142 -3.98 -2.84 28.30
CA PHE B 142 -3.86 -1.50 27.73
C PHE B 142 -5.05 -0.64 28.08
N VAL B 143 -6.25 -1.19 27.95
CA VAL B 143 -7.44 -0.44 28.31
C VAL B 143 -7.41 -0.10 29.78
N LYS B 144 -6.92 -1.01 30.62
CA LYS B 144 -6.88 -0.74 32.05
C LYS B 144 -5.95 0.42 32.38
N MET B 145 -4.76 0.43 31.79
CA MET B 145 -3.77 1.48 31.99
C MET B 145 -4.14 2.75 31.22
N MET B 146 -5.25 2.73 30.48
CA MET B 146 -5.67 3.99 29.88
C MET B 146 -6.95 4.67 30.39
N ILE B 147 -7.97 3.87 30.68
CA ILE B 147 -9.29 4.33 31.10
C ILE B 147 -9.75 5.56 30.32
N ASP C 3 -8.26 -46.57 -12.52
CA ASP C 3 -9.52 -45.89 -12.78
C ASP C 3 -9.26 -44.52 -13.40
N LYS C 4 -9.95 -44.22 -14.49
CA LYS C 4 -9.77 -42.96 -15.19
C LYS C 4 -10.51 -41.83 -14.50
N LEU C 5 -9.97 -40.62 -14.63
CA LEU C 5 -10.56 -39.45 -14.01
C LEU C 5 -11.77 -38.98 -14.81
N THR C 6 -12.67 -38.27 -14.14
CA THR C 6 -13.77 -37.61 -14.82
C THR C 6 -13.29 -36.29 -15.41
N GLU C 7 -14.06 -35.78 -16.38
CA GLU C 7 -13.69 -34.49 -16.96
C GLU C 7 -13.80 -33.36 -15.97
N GLU C 8 -14.74 -33.45 -15.03
CA GLU C 8 -14.85 -32.41 -14.01
C GLU C 8 -13.65 -32.44 -13.06
N GLN C 9 -13.18 -33.64 -12.70
CA GLN C 9 -11.97 -33.74 -11.89
C GLN C 9 -10.79 -33.07 -12.59
N ILE C 10 -10.56 -33.43 -13.86
CA ILE C 10 -9.45 -32.86 -14.61
C ILE C 10 -9.61 -31.34 -14.72
N SER C 11 -10.85 -30.89 -14.93
CA SER C 11 -11.09 -29.45 -15.04
C SER C 11 -10.75 -28.73 -13.74
N GLU C 12 -11.11 -29.32 -12.60
CA GLU C 12 -10.79 -28.68 -11.33
C GLU C 12 -9.29 -28.68 -11.08
N PHE C 13 -8.60 -29.76 -11.43
CA PHE C 13 -7.15 -29.78 -11.34
C PHE C 13 -6.53 -28.69 -12.20
N LYS C 14 -7.01 -28.54 -13.43
CA LYS C 14 -6.48 -27.52 -14.33
C LYS C 14 -6.82 -26.12 -13.83
N GLU C 15 -7.96 -25.96 -13.15
CA GLU C 15 -8.30 -24.66 -12.58
C GLU C 15 -7.32 -24.31 -11.46
N ALA C 16 -7.03 -25.28 -10.58
CA ALA C 16 -6.05 -25.04 -9.52
C ALA C 16 -4.67 -24.74 -10.12
N PHE C 17 -4.29 -25.46 -11.17
CA PHE C 17 -3.02 -25.21 -11.84
C PHE C 17 -3.00 -23.83 -12.48
N SER C 18 -4.13 -23.39 -13.03
CA SER C 18 -4.20 -22.10 -13.69
C SER C 18 -4.16 -20.93 -12.72
N LEU C 19 -4.44 -21.17 -11.44
CA LEU C 19 -4.24 -20.14 -10.44
C LEU C 19 -2.77 -19.76 -10.33
N PHE C 20 -1.87 -20.69 -10.65
CA PHE C 20 -0.44 -20.42 -10.73
C PHE C 20 0.01 -20.10 -12.14
N ASP C 21 -0.34 -20.95 -13.12
CA ASP C 21 -0.05 -20.67 -14.53
C ASP C 21 -1.11 -19.69 -15.05
N LYS C 22 -0.81 -18.40 -14.85
CA LYS C 22 -1.82 -17.39 -15.14
C LYS C 22 -1.85 -16.93 -16.59
N ASP C 23 -0.77 -17.06 -17.36
CA ASP C 23 -0.84 -16.79 -18.80
C ASP C 23 -1.33 -18.02 -19.59
N GLY C 24 -1.55 -19.15 -18.93
CA GLY C 24 -2.16 -20.31 -19.56
C GLY C 24 -1.29 -20.99 -20.58
N ASP C 25 0.03 -20.93 -20.43
CA ASP C 25 0.93 -21.56 -21.37
C ASP C 25 1.39 -22.93 -20.91
N GLY C 26 0.80 -23.47 -19.85
CA GLY C 26 1.08 -24.82 -19.41
C GLY C 26 2.28 -24.97 -18.50
N THR C 27 2.91 -23.88 -18.09
CA THR C 27 4.08 -23.95 -17.21
C THR C 27 3.96 -22.90 -16.12
N ILE C 28 4.41 -23.25 -14.92
CA ILE C 28 4.48 -22.33 -13.79
C ILE C 28 5.94 -21.93 -13.62
N THR C 29 6.23 -20.65 -13.84
CA THR C 29 7.58 -20.14 -13.67
C THR C 29 7.78 -19.64 -12.24
N THR C 30 9.03 -19.29 -11.91
CA THR C 30 9.29 -18.68 -10.61
C THR C 30 8.57 -17.35 -10.48
N LYS C 31 8.44 -16.61 -11.58
CA LYS C 31 7.75 -15.33 -11.54
C LYS C 31 6.27 -15.51 -11.18
N GLU C 32 5.61 -16.51 -11.77
CA GLU C 32 4.20 -16.72 -11.51
C GLU C 32 3.96 -17.22 -10.08
N LEU C 33 4.79 -18.15 -9.63
CA LEU C 33 4.71 -18.59 -8.23
C LEU C 33 4.95 -17.43 -7.28
N GLY C 34 5.89 -16.55 -7.64
CA GLY C 34 6.12 -15.37 -6.82
C GLY C 34 4.92 -14.46 -6.79
N THR C 35 4.26 -14.28 -7.93
CA THR C 35 3.05 -13.46 -7.97
C THR C 35 2.00 -14.02 -7.03
N VAL C 36 1.80 -15.34 -7.06
CA VAL C 36 0.83 -15.97 -6.16
C VAL C 36 1.21 -15.71 -4.70
N MET C 37 2.44 -16.08 -4.33
CA MET C 37 2.86 -15.93 -2.95
C MET C 37 2.76 -14.49 -2.48
N ARG C 38 3.09 -13.53 -3.34
CA ARG C 38 2.96 -12.13 -2.99
C ARG C 38 1.51 -11.73 -2.81
N SER C 39 0.62 -12.22 -3.68
CA SER C 39 -0.80 -11.98 -3.50
C SER C 39 -1.29 -12.52 -2.17
N LEU C 40 -0.58 -13.48 -1.59
CA LEU C 40 -0.95 -14.00 -0.28
C LEU C 40 -0.38 -13.18 0.88
N GLY C 41 0.53 -12.24 0.61
CA GLY C 41 1.14 -11.42 1.66
C GLY C 41 2.60 -11.71 1.90
N GLN C 42 3.11 -12.84 1.41
CA GLN C 42 4.50 -13.22 1.63
C GLN C 42 5.40 -12.52 0.62
N ASN C 43 6.69 -12.49 0.92
CA ASN C 43 7.70 -11.83 0.08
C ASN C 43 8.90 -12.75 -0.08
N PRO C 44 8.73 -13.89 -0.74
CA PRO C 44 9.86 -14.82 -0.91
C PRO C 44 10.87 -14.29 -1.91
N THR C 45 12.15 -14.51 -1.60
CA THR C 45 13.22 -14.17 -2.52
C THR C 45 13.18 -15.09 -3.74
N GLU C 46 13.93 -14.71 -4.78
CA GLU C 46 13.97 -15.54 -5.98
C GLU C 46 14.56 -16.91 -5.70
N ALA C 47 15.46 -17.01 -4.71
CA ALA C 47 16.07 -18.30 -4.41
C ALA C 47 15.08 -19.24 -3.73
N GLU C 48 14.24 -18.72 -2.85
CA GLU C 48 13.20 -19.55 -2.22
C GLU C 48 12.22 -20.06 -3.27
N LEU C 49 11.78 -19.18 -4.17
CA LEU C 49 10.91 -19.60 -5.26
C LEU C 49 11.58 -20.66 -6.12
N GLN C 50 12.86 -20.45 -6.45
CA GLN C 50 13.58 -21.42 -7.26
C GLN C 50 13.69 -22.76 -6.54
N ASP C 51 13.86 -22.74 -5.22
CA ASP C 51 13.92 -23.99 -4.48
C ASP C 51 12.61 -24.74 -4.55
N MET C 52 11.49 -24.02 -4.38
CA MET C 52 10.18 -24.66 -4.55
C MET C 52 10.07 -25.31 -5.93
N ILE C 53 10.38 -24.52 -6.97
CA ILE C 53 10.31 -25.04 -8.34
C ILE C 53 11.18 -26.29 -8.46
N ASN C 54 12.46 -26.17 -8.06
CA ASN C 54 13.39 -27.29 -8.16
C ASN C 54 12.80 -28.54 -7.52
N GLU C 55 12.24 -28.40 -6.32
CA GLU C 55 11.65 -29.56 -5.67
C GLU C 55 10.56 -30.18 -6.54
N ILE C 56 9.70 -29.34 -7.12
CA ILE C 56 8.58 -29.88 -7.87
C ILE C 56 8.91 -30.20 -9.34
N ASP C 57 9.98 -29.61 -9.88
CA ASP C 57 10.33 -29.76 -11.29
C ASP C 57 11.18 -31.01 -11.45
N THR C 58 10.52 -32.15 -11.67
CA THR C 58 11.24 -33.42 -11.70
C THR C 58 12.01 -33.62 -13.00
N ASP C 59 11.54 -33.07 -14.12
CA ASP C 59 12.23 -33.25 -15.39
C ASP C 59 13.35 -32.25 -15.58
N GLY C 60 13.47 -31.24 -14.72
CA GLY C 60 14.62 -30.36 -14.71
C GLY C 60 14.62 -29.27 -15.75
N ASN C 61 13.49 -29.01 -16.41
CA ASN C 61 13.44 -27.99 -17.44
C ASN C 61 13.20 -26.59 -16.89
N GLY C 62 13.13 -26.43 -15.56
CA GLY C 62 13.08 -25.12 -14.95
C GLY C 62 11.70 -24.61 -14.61
N THR C 63 10.64 -25.32 -14.98
CA THR C 63 9.28 -24.89 -14.70
C THR C 63 8.46 -26.08 -14.25
N ILE C 64 7.28 -25.80 -13.69
CA ILE C 64 6.34 -26.81 -13.28
C ILE C 64 5.26 -26.92 -14.34
N ASP C 65 4.98 -28.14 -14.79
CA ASP C 65 3.90 -28.38 -15.74
C ASP C 65 2.78 -29.15 -15.04
N PHE C 66 1.75 -29.48 -15.82
CA PHE C 66 0.56 -30.08 -15.23
C PHE C 66 0.85 -31.42 -14.54
N PRO C 67 1.54 -32.37 -15.16
CA PRO C 67 1.81 -33.63 -14.45
C PRO C 67 2.61 -33.45 -13.17
N GLU C 68 3.61 -32.57 -13.16
CA GLU C 68 4.36 -32.32 -11.93
C GLU C 68 3.47 -31.70 -10.87
N PHE C 69 2.62 -30.75 -11.27
CA PHE C 69 1.65 -30.16 -10.33
C PHE C 69 0.73 -31.23 -9.76
N LEU C 70 0.25 -32.15 -10.60
CA LEU C 70 -0.60 -33.23 -10.10
C LEU C 70 0.16 -34.10 -9.12
N THR C 71 1.41 -34.45 -9.43
CA THR C 71 2.20 -35.24 -8.50
C THR C 71 2.30 -34.55 -7.15
N LEU C 72 2.50 -33.23 -7.15
CA LEU C 72 2.51 -32.49 -5.90
C LEU C 72 1.16 -32.57 -5.20
N MET C 73 0.07 -32.55 -5.98
CA MET C 73 -1.27 -32.62 -5.37
C MET C 73 -1.48 -33.95 -4.67
N ALA C 74 -0.98 -35.05 -5.27
CA ALA C 74 -1.12 -36.35 -4.65
C ALA C 74 -0.40 -36.43 -3.30
N ARG C 75 0.56 -35.53 -3.06
CA ARG C 75 1.24 -35.42 -1.78
C ARG C 75 0.63 -34.28 -0.99
N LYS C 76 0.52 -34.46 0.32
CA LYS C 76 -0.08 -33.43 1.17
C LYS C 76 0.88 -32.98 2.27
N GLU C 85 5.85 -24.13 10.29
CA GLU C 85 4.91 -25.25 10.18
C GLU C 85 3.74 -24.83 9.28
N LEU C 86 2.60 -25.50 9.40
CA LEU C 86 1.37 -25.02 8.81
C LEU C 86 0.66 -23.98 9.70
N ILE C 87 1.26 -23.61 10.84
CA ILE C 87 0.87 -22.40 11.55
C ILE C 87 1.21 -21.14 10.77
N GLU C 88 2.21 -21.18 9.89
CA GLU C 88 2.46 -20.09 8.95
C GLU C 88 1.41 -20.02 7.84
N ALA C 89 0.95 -21.16 7.31
CA ALA C 89 -0.18 -21.15 6.38
C ALA C 89 -1.42 -20.59 7.04
N PHE C 90 -1.70 -20.99 8.28
CA PHE C 90 -2.81 -20.39 8.99
C PHE C 90 -2.61 -18.89 9.15
N ARG C 91 -1.44 -18.45 9.59
CA ARG C 91 -1.21 -17.02 9.72
C ARG C 91 -1.41 -16.30 8.40
N VAL C 92 -1.09 -16.95 7.28
CA VAL C 92 -1.34 -16.32 5.98
C VAL C 92 -2.83 -16.07 5.78
N PHE C 93 -3.68 -17.03 6.19
CA PHE C 93 -5.11 -16.79 6.02
C PHE C 93 -5.64 -15.80 7.05
N ASP C 94 -5.21 -15.94 8.30
CA ASP C 94 -5.65 -15.04 9.37
C ASP C 94 -4.95 -13.69 9.24
N ARG C 95 -5.53 -12.78 8.45
CA ARG C 95 -4.81 -11.57 8.08
C ARG C 95 -4.73 -10.58 9.24
N ASP C 96 -5.82 -10.41 9.99
CA ASP C 96 -5.78 -9.50 11.12
C ASP C 96 -5.10 -10.11 12.34
N GLY C 97 -4.76 -11.39 12.30
CA GLY C 97 -3.94 -11.99 13.34
C GLY C 97 -4.64 -12.24 14.66
N ASP C 98 -5.97 -12.24 14.68
CA ASP C 98 -6.71 -12.47 15.92
C ASP C 98 -6.83 -13.95 16.26
N GLY C 99 -6.16 -14.83 15.52
CA GLY C 99 -6.20 -16.24 15.79
C GLY C 99 -7.36 -16.99 15.17
N TYR C 100 -8.12 -16.36 14.27
CA TYR C 100 -9.22 -17.01 13.60
C TYR C 100 -9.27 -16.55 12.15
N ILE C 101 -9.85 -17.38 11.29
CA ILE C 101 -10.09 -17.05 9.90
C ILE C 101 -11.56 -16.72 9.75
N SER C 102 -11.86 -15.47 9.41
CA SER C 102 -13.24 -15.03 9.24
C SER C 102 -13.70 -15.26 7.80
N ALA C 103 -15.02 -15.15 7.60
CA ALA C 103 -15.58 -15.27 6.26
C ALA C 103 -14.96 -14.25 5.32
N ASP C 104 -14.87 -12.99 5.77
CA ASP C 104 -14.25 -11.96 4.95
C ASP C 104 -12.79 -12.29 4.64
N GLU C 105 -12.07 -12.83 5.62
CA GLU C 105 -10.65 -13.13 5.41
C GLU C 105 -10.48 -14.25 4.39
N LEU C 106 -11.25 -15.33 4.52
CA LEU C 106 -11.16 -16.42 3.55
C LEU C 106 -11.57 -15.93 2.16
N ARG C 107 -12.66 -15.17 2.08
CA ARG C 107 -13.11 -14.66 0.78
C ARG C 107 -12.06 -13.78 0.14
N HIS C 108 -11.43 -12.89 0.93
CA HIS C 108 -10.40 -12.01 0.39
C HIS C 108 -9.19 -12.80 -0.07
N VAL C 109 -8.74 -13.77 0.73
CA VAL C 109 -7.59 -14.58 0.35
C VAL C 109 -7.89 -15.30 -0.96
N MET C 110 -9.06 -15.93 -1.06
CA MET C 110 -9.39 -16.68 -2.26
C MET C 110 -9.50 -15.77 -3.48
N THR C 111 -10.09 -14.58 -3.30
CA THR C 111 -10.17 -13.63 -4.40
C THR C 111 -8.77 -13.24 -4.87
N ASN C 112 -7.85 -12.97 -3.94
CA ASN C 112 -6.49 -12.63 -4.35
C ASN C 112 -5.83 -13.81 -5.04
N LEU C 113 -6.14 -15.04 -4.61
CA LEU C 113 -5.60 -16.22 -5.27
C LEU C 113 -6.16 -16.40 -6.67
N GLY C 114 -7.33 -15.83 -6.95
CA GLY C 114 -7.97 -15.99 -8.23
C GLY C 114 -9.23 -16.82 -8.23
N GLU C 115 -9.74 -17.18 -7.05
CA GLU C 115 -11.01 -17.90 -6.92
C GLU C 115 -11.98 -16.94 -6.24
N LYS C 116 -12.65 -16.11 -7.04
CA LYS C 116 -13.59 -15.13 -6.49
C LYS C 116 -14.85 -15.86 -6.02
N LEU C 117 -15.11 -15.79 -4.72
CA LEU C 117 -16.28 -16.42 -4.11
C LEU C 117 -17.21 -15.34 -3.56
N THR C 118 -18.47 -15.71 -3.41
CA THR C 118 -19.48 -14.80 -2.87
C THR C 118 -19.56 -14.94 -1.35
N ASN C 119 -20.09 -13.90 -0.71
CA ASN C 119 -20.29 -13.96 0.74
C ASN C 119 -21.12 -15.17 1.13
N GLU C 120 -22.17 -15.45 0.36
CA GLU C 120 -23.03 -16.61 0.64
CA GLU C 120 -23.03 -16.61 0.64
C GLU C 120 -22.21 -17.90 0.60
N GLU C 121 -21.47 -18.11 -0.49
CA GLU C 121 -20.67 -19.33 -0.63
C GLU C 121 -19.69 -19.48 0.52
N VAL C 122 -19.00 -18.40 0.89
CA VAL C 122 -17.99 -18.49 1.94
C VAL C 122 -18.63 -18.76 3.29
N ASP C 123 -19.76 -18.10 3.58
CA ASP C 123 -20.48 -18.37 4.82
C ASP C 123 -20.85 -19.84 4.91
N GLU C 124 -21.43 -20.39 3.84
CA GLU C 124 -21.80 -21.80 3.85
C GLU C 124 -20.59 -22.70 4.01
N MET C 125 -19.50 -22.39 3.28
CA MET C 125 -18.30 -23.21 3.32
C MET C 125 -17.70 -23.25 4.71
N ILE C 126 -17.65 -22.09 5.39
CA ILE C 126 -17.11 -22.06 6.74
C ILE C 126 -18.05 -22.76 7.72
N ARG C 127 -19.36 -22.58 7.55
CA ARG C 127 -20.30 -23.25 8.42
C ARG C 127 -20.17 -24.76 8.32
N GLU C 128 -19.86 -25.28 7.12
CA GLU C 128 -19.73 -26.72 6.96
C GLU C 128 -18.46 -27.23 7.62
N ALA C 129 -17.41 -26.42 7.67
CA ALA C 129 -16.15 -26.79 8.31
C ALA C 129 -16.04 -26.31 9.74
N ASP C 130 -17.11 -25.74 10.29
CA ASP C 130 -17.11 -25.16 11.63
C ASP C 130 -17.46 -26.23 12.66
N ILE C 131 -16.52 -26.55 13.53
CA ILE C 131 -16.72 -27.61 14.51
C ILE C 131 -17.37 -27.06 15.77
N ASP C 132 -16.72 -26.10 16.42
CA ASP C 132 -17.24 -25.54 17.66
C ASP C 132 -18.43 -24.61 17.44
N GLY C 133 -18.69 -24.23 16.19
CA GLY C 133 -19.90 -23.48 15.88
C GLY C 133 -19.88 -22.01 16.24
N ASP C 134 -18.70 -21.38 16.21
CA ASP C 134 -18.58 -19.97 16.56
C ASP C 134 -18.48 -19.08 15.32
N GLY C 135 -18.61 -19.64 14.12
CA GLY C 135 -18.64 -18.86 12.90
C GLY C 135 -17.29 -18.52 12.31
N GLN C 136 -16.20 -19.01 12.89
CA GLN C 136 -14.86 -18.72 12.41
C GLN C 136 -13.99 -19.95 12.57
N ILE C 137 -12.99 -20.08 11.71
CA ILE C 137 -12.15 -21.26 11.65
C ILE C 137 -10.87 -20.97 12.44
N ASN C 138 -10.72 -21.65 13.58
CA ASN C 138 -9.55 -21.49 14.42
C ASN C 138 -8.44 -22.43 13.95
N TYR C 139 -7.28 -22.34 14.60
CA TYR C 139 -6.11 -23.09 14.16
C TYR C 139 -6.39 -24.59 14.14
N GLU C 140 -7.05 -25.11 15.17
CA GLU C 140 -7.30 -26.55 15.23
C GLU C 140 -8.22 -27.00 14.11
N GLU C 141 -9.28 -26.22 13.83
CA GLU C 141 -10.18 -26.58 12.73
C GLU C 141 -9.44 -26.50 11.40
N PHE C 142 -8.58 -25.50 11.23
CA PHE C 142 -7.78 -25.39 10.02
C PHE C 142 -6.89 -26.62 9.83
N VAL C 143 -6.18 -27.03 10.88
CA VAL C 143 -5.30 -28.18 10.77
C VAL C 143 -6.11 -29.46 10.55
N LYS C 144 -7.25 -29.60 11.22
CA LYS C 144 -8.07 -30.79 11.06
C LYS C 144 -8.60 -30.92 9.65
N MET C 145 -9.03 -29.81 9.04
CA MET C 145 -9.43 -29.87 7.64
C MET C 145 -8.26 -30.27 6.76
N MET C 146 -7.09 -29.69 6.99
CA MET C 146 -5.92 -29.98 6.19
C MET C 146 -5.36 -31.37 6.51
N ASP D 3 -4.88 11.61 -18.48
CA ASP D 3 -5.30 10.43 -19.24
C ASP D 3 -5.19 9.18 -18.38
N LYS D 4 -6.26 8.40 -18.35
CA LYS D 4 -6.28 7.18 -17.55
C LYS D 4 -5.44 6.09 -18.20
N LEU D 5 -4.56 5.48 -17.43
CA LEU D 5 -3.74 4.39 -17.93
C LEU D 5 -4.53 3.08 -17.95
N THR D 6 -4.13 2.19 -18.86
CA THR D 6 -4.72 0.87 -18.91
C THR D 6 -4.03 -0.05 -17.91
N GLU D 7 -4.72 -1.12 -17.53
CA GLU D 7 -4.13 -2.07 -16.58
C GLU D 7 -2.96 -2.82 -17.20
N GLU D 8 -2.93 -2.95 -18.53
CA GLU D 8 -1.77 -3.55 -19.17
C GLU D 8 -0.55 -2.63 -19.06
N GLN D 9 -0.73 -1.33 -19.29
CA GLN D 9 0.37 -0.39 -19.12
C GLN D 9 0.89 -0.41 -17.68
N ILE D 10 -0.02 -0.43 -16.71
CA ILE D 10 0.38 -0.49 -15.31
C ILE D 10 1.13 -1.78 -15.03
N SER D 11 0.64 -2.89 -15.59
CA SER D 11 1.32 -4.17 -15.41
C SER D 11 2.74 -4.12 -15.96
N GLU D 12 2.92 -3.51 -17.14
CA GLU D 12 4.25 -3.44 -17.74
C GLU D 12 5.18 -2.59 -16.89
N PHE D 13 4.69 -1.42 -16.45
CA PHE D 13 5.51 -0.58 -15.58
C PHE D 13 5.90 -1.33 -14.31
N LYS D 14 4.96 -2.09 -13.74
CA LYS D 14 5.23 -2.82 -12.52
C LYS D 14 6.23 -3.95 -12.74
N GLU D 15 6.15 -4.63 -13.89
CA GLU D 15 7.12 -5.68 -14.20
CA GLU D 15 7.12 -5.68 -14.18
C GLU D 15 8.52 -5.10 -14.36
N ALA D 16 8.63 -3.98 -15.09
CA ALA D 16 9.93 -3.31 -15.20
C ALA D 16 10.45 -2.91 -13.83
N PHE D 17 9.57 -2.43 -12.96
CA PHE D 17 9.96 -2.05 -11.61
C PHE D 17 10.39 -3.27 -10.80
N SER D 18 9.69 -4.39 -10.97
CA SER D 18 9.97 -5.61 -10.21
C SER D 18 11.28 -6.24 -10.63
N LEU D 19 11.74 -5.97 -11.86
CA LEU D 19 13.05 -6.46 -12.24
C LEU D 19 14.13 -5.94 -11.29
N PHE D 20 13.95 -4.72 -10.75
CA PHE D 20 14.87 -4.17 -9.76
C PHE D 20 14.43 -4.55 -8.34
N ASP D 21 13.17 -4.26 -7.99
CA ASP D 21 12.58 -4.66 -6.72
C ASP D 21 12.39 -6.17 -6.70
N LYS D 22 13.48 -6.87 -6.37
CA LYS D 22 13.47 -8.32 -6.54
C LYS D 22 12.59 -9.00 -5.49
N ASP D 23 12.58 -8.48 -4.26
CA ASP D 23 11.77 -9.08 -3.20
C ASP D 23 10.32 -8.64 -3.25
N GLY D 24 9.98 -7.71 -4.14
CA GLY D 24 8.59 -7.32 -4.32
C GLY D 24 7.98 -6.57 -3.16
N ASP D 25 8.79 -5.83 -2.40
CA ASP D 25 8.31 -5.06 -1.27
C ASP D 25 8.10 -3.59 -1.61
N GLY D 26 8.09 -3.24 -2.90
CA GLY D 26 7.74 -1.90 -3.32
C GLY D 26 8.87 -0.89 -3.24
N THR D 27 10.09 -1.32 -2.94
CA THR D 27 11.22 -0.41 -2.82
C THR D 27 12.43 -1.03 -3.50
N ILE D 28 13.23 -0.18 -4.15
CA ILE D 28 14.48 -0.59 -4.77
C ILE D 28 15.61 -0.07 -3.90
N THR D 29 16.36 -0.98 -3.29
CA THR D 29 17.48 -0.61 -2.46
C THR D 29 18.75 -0.50 -3.30
N THR D 30 19.80 0.05 -2.70
CA THR D 30 21.10 0.04 -3.37
C THR D 30 21.55 -1.37 -3.66
N LYS D 31 21.24 -2.31 -2.75
CA LYS D 31 21.61 -3.70 -2.93
C LYS D 31 20.95 -4.29 -4.17
N GLU D 32 19.67 -3.97 -4.40
CA GLU D 32 18.96 -4.55 -5.55
C GLU D 32 19.43 -3.94 -6.87
N LEU D 33 19.62 -2.62 -6.91
CA LEU D 33 20.20 -1.99 -8.10
C LEU D 33 21.57 -2.59 -8.40
N GLY D 34 22.36 -2.84 -7.35
CA GLY D 34 23.65 -3.48 -7.55
C GLY D 34 23.50 -4.89 -8.11
N THR D 35 22.55 -5.65 -7.59
CA THR D 35 22.31 -6.99 -8.12
C THR D 35 22.02 -6.93 -9.62
N VAL D 36 21.16 -6.01 -10.04
CA VAL D 36 20.81 -5.92 -11.46
C VAL D 36 22.04 -5.54 -12.28
N MET D 37 22.71 -4.44 -11.91
CA MET D 37 23.86 -4.00 -12.68
C MET D 37 24.94 -5.09 -12.74
N ARG D 38 25.15 -5.82 -11.64
CA ARG D 38 26.11 -6.90 -11.65
C ARG D 38 25.67 -8.02 -12.60
N SER D 39 24.37 -8.36 -12.58
CA SER D 39 23.86 -9.35 -13.51
C SER D 39 24.08 -8.95 -14.96
N LEU D 40 24.26 -7.65 -15.22
CA LEU D 40 24.54 -7.20 -16.58
C LEU D 40 26.04 -7.16 -16.90
N GLY D 41 26.91 -7.46 -15.94
CA GLY D 41 28.34 -7.50 -16.17
C GLY D 41 29.12 -6.38 -15.51
N GLN D 42 28.44 -5.32 -15.07
CA GLN D 42 29.12 -4.21 -14.44
C GLN D 42 29.45 -4.52 -13.00
N ASN D 43 30.38 -3.74 -12.44
CA ASN D 43 30.77 -3.83 -11.04
C ASN D 43 30.81 -2.42 -10.46
N PRO D 44 29.64 -1.78 -10.33
CA PRO D 44 29.62 -0.40 -9.82
C PRO D 44 30.00 -0.36 -8.35
N THR D 45 30.70 0.71 -7.97
CA THR D 45 31.05 0.89 -6.57
C THR D 45 29.78 1.12 -5.75
N GLU D 46 29.90 0.93 -4.43
CA GLU D 46 28.77 1.20 -3.55
C GLU D 46 28.33 2.65 -3.67
N ALA D 47 29.28 3.56 -3.89
CA ALA D 47 28.95 4.98 -3.95
C ALA D 47 28.27 5.35 -5.25
N GLU D 48 28.66 4.71 -6.37
CA GLU D 48 27.97 4.96 -7.63
C GLU D 48 26.52 4.50 -7.55
N LEU D 49 26.29 3.32 -6.99
CA LEU D 49 24.93 2.85 -6.75
C LEU D 49 24.17 3.81 -5.86
N GLN D 50 24.82 4.31 -4.80
CA GLN D 50 24.16 5.25 -3.92
C GLN D 50 23.82 6.53 -4.66
N ASP D 51 24.66 6.96 -5.59
CA ASP D 51 24.39 8.17 -6.35
C ASP D 51 23.18 7.99 -7.25
N MET D 52 23.11 6.85 -7.95
CA MET D 52 21.92 6.55 -8.74
C MET D 52 20.66 6.62 -7.87
N ILE D 53 20.69 5.93 -6.72
CA ILE D 53 19.54 5.92 -5.83
C ILE D 53 19.19 7.34 -5.40
N ASN D 54 20.18 8.09 -4.88
CA ASN D 54 19.95 9.45 -4.43
C ASN D 54 19.26 10.27 -5.51
N GLU D 55 19.77 10.20 -6.73
CA GLU D 55 19.18 10.98 -7.81
C GLU D 55 17.72 10.62 -8.01
N ILE D 56 17.39 9.32 -7.99
CA ILE D 56 16.00 8.94 -8.24
C ILE D 56 15.14 9.03 -6.99
N ASP D 57 15.72 8.96 -5.80
CA ASP D 57 14.98 8.94 -4.54
C ASP D 57 14.67 10.38 -4.14
N THR D 58 13.52 10.87 -4.59
CA THR D 58 13.20 12.28 -4.43
C THR D 58 12.83 12.65 -2.99
N ASP D 59 12.24 11.71 -2.25
CA ASP D 59 11.82 11.98 -0.88
C ASP D 59 12.92 11.69 0.15
N GLY D 60 14.00 11.03 -0.24
CA GLY D 60 15.15 10.90 0.62
C GLY D 60 15.08 9.80 1.66
N ASN D 61 14.14 8.86 1.54
CA ASN D 61 14.02 7.78 2.49
C ASN D 61 14.94 6.61 2.17
N GLY D 62 15.89 6.79 1.25
CA GLY D 62 16.94 5.81 1.02
C GLY D 62 16.63 4.77 -0.03
N THR D 63 15.41 4.72 -0.55
CA THR D 63 15.04 3.73 -1.56
C THR D 63 14.19 4.40 -2.62
N ILE D 64 14.03 3.70 -3.75
CA ILE D 64 13.17 4.14 -4.84
C ILE D 64 11.88 3.35 -4.75
N ASP D 65 10.75 4.05 -4.80
CA ASP D 65 9.44 3.40 -4.86
C ASP D 65 8.86 3.56 -6.26
N PHE D 66 7.66 3.00 -6.45
CA PHE D 66 7.08 2.97 -7.78
C PHE D 66 6.88 4.35 -8.38
N PRO D 67 6.26 5.33 -7.70
CA PRO D 67 6.09 6.65 -8.33
C PRO D 67 7.41 7.32 -8.70
N GLU D 68 8.44 7.19 -7.87
CA GLU D 68 9.75 7.74 -8.23
C GLU D 68 10.31 7.04 -9.46
N PHE D 69 10.14 5.71 -9.53
CA PHE D 69 10.54 4.97 -10.71
C PHE D 69 9.83 5.50 -11.95
N LEU D 70 8.53 5.76 -11.84
CA LEU D 70 7.77 6.30 -12.96
C LEU D 70 8.34 7.66 -13.38
N THR D 71 8.57 8.54 -12.40
CA THR D 71 9.11 9.86 -12.72
C THR D 71 10.43 9.73 -13.46
N LEU D 72 11.27 8.78 -13.04
CA LEU D 72 12.50 8.52 -13.79
C LEU D 72 12.20 8.07 -15.21
N MET D 73 11.17 7.24 -15.37
CA MET D 73 10.89 6.69 -16.70
C MET D 73 10.48 7.78 -17.68
N ALA D 74 9.65 8.72 -17.26
CA ALA D 74 9.20 9.80 -18.14
C ALA D 74 10.31 10.83 -18.31
N ILE D 87 26.88 6.26 -23.18
CA ILE D 87 26.87 5.58 -24.47
C ILE D 87 27.45 4.17 -24.33
N GLU D 88 27.33 3.60 -23.13
CA GLU D 88 27.83 2.26 -22.87
C GLU D 88 26.78 1.18 -23.06
N ALA D 89 25.51 1.55 -23.21
CA ALA D 89 24.43 0.56 -23.26
C ALA D 89 24.69 -0.52 -24.31
N PHE D 90 25.25 -0.13 -25.46
CA PHE D 90 25.56 -1.13 -26.48
C PHE D 90 26.65 -2.08 -26.00
N ARG D 91 27.67 -1.57 -25.32
CA ARG D 91 28.77 -2.41 -24.86
C ARG D 91 28.29 -3.44 -23.83
N VAL D 92 27.28 -3.11 -23.03
CA VAL D 92 26.77 -4.07 -22.06
C VAL D 92 26.14 -5.27 -22.76
N PHE D 93 25.49 -5.05 -23.91
CA PHE D 93 24.88 -6.15 -24.65
C PHE D 93 25.92 -6.91 -25.47
N ASP D 94 26.83 -6.20 -26.13
CA ASP D 94 27.84 -6.82 -26.98
C ASP D 94 28.90 -7.45 -26.08
N ARG D 95 28.63 -8.70 -25.66
CA ARG D 95 29.47 -9.34 -24.66
C ARG D 95 30.76 -9.90 -25.27
N ASP D 96 30.65 -10.61 -26.39
CA ASP D 96 31.83 -11.19 -27.01
C ASP D 96 32.66 -10.17 -27.77
N GLY D 97 32.16 -8.95 -27.93
CA GLY D 97 32.95 -7.89 -28.54
C GLY D 97 33.04 -7.94 -30.04
N ASP D 98 32.14 -8.64 -30.72
CA ASP D 98 32.17 -8.71 -32.18
C ASP D 98 31.54 -7.49 -32.84
N GLY D 99 31.20 -6.46 -32.06
CA GLY D 99 30.62 -5.25 -32.62
C GLY D 99 29.16 -5.35 -32.97
N TYR D 100 28.50 -6.43 -32.60
CA TYR D 100 27.09 -6.61 -32.91
C TYR D 100 26.43 -7.37 -31.77
N ILE D 101 25.11 -7.24 -31.67
CA ILE D 101 24.30 -7.95 -30.69
C ILE D 101 23.61 -9.10 -31.41
N SER D 102 23.97 -10.32 -31.04
CA SER D 102 23.37 -11.51 -31.64
C SER D 102 22.09 -11.89 -30.90
N ALA D 103 21.31 -12.78 -31.51
CA ALA D 103 20.08 -13.25 -30.87
C ALA D 103 20.39 -13.93 -29.54
N ASP D 104 21.37 -14.83 -29.52
CA ASP D 104 21.73 -15.51 -28.29
C ASP D 104 22.16 -14.52 -27.21
N GLU D 105 22.94 -13.50 -27.60
CA GLU D 105 23.42 -12.54 -26.62
C GLU D 105 22.28 -11.72 -26.04
N LEU D 106 21.37 -11.25 -26.90
CA LEU D 106 20.22 -10.48 -26.42
C LEU D 106 19.37 -11.34 -25.49
N ARG D 107 19.11 -12.59 -25.88
CA ARG D 107 18.32 -13.48 -25.04
C ARG D 107 19.00 -13.70 -23.69
N HIS D 108 20.32 -13.89 -23.68
CA HIS D 108 21.04 -14.09 -22.44
C HIS D 108 20.92 -12.87 -21.54
N VAL D 109 21.20 -11.69 -22.08
CA VAL D 109 21.16 -10.47 -21.28
C VAL D 109 19.76 -10.26 -20.71
N MET D 110 18.73 -10.49 -21.52
CA MET D 110 17.37 -10.29 -21.04
C MET D 110 17.00 -11.32 -19.97
N THR D 111 17.45 -12.56 -20.12
CA THR D 111 17.14 -13.59 -19.13
C THR D 111 17.82 -13.29 -17.80
N ASN D 112 19.05 -12.77 -17.84
CA ASN D 112 19.76 -12.46 -16.59
C ASN D 112 19.01 -11.41 -15.77
N LEU D 113 18.53 -10.35 -16.42
CA LEU D 113 17.84 -9.30 -15.70
C LEU D 113 16.45 -9.72 -15.24
N GLY D 114 15.94 -10.85 -15.71
CA GLY D 114 14.70 -11.39 -15.20
C GLY D 114 13.57 -11.51 -16.21
N GLU D 115 13.91 -11.42 -17.50
CA GLU D 115 12.94 -11.55 -18.58
C GLU D 115 13.37 -12.71 -19.47
N LYS D 116 12.90 -13.91 -19.14
CA LYS D 116 13.27 -15.09 -19.91
C LYS D 116 12.56 -15.09 -21.26
N LEU D 117 13.35 -15.02 -22.33
CA LEU D 117 12.83 -15.01 -23.69
C LEU D 117 13.24 -16.29 -24.42
N THR D 118 12.44 -16.63 -25.42
CA THR D 118 12.68 -17.83 -26.22
C THR D 118 13.56 -17.51 -27.42
N ASN D 119 14.22 -18.54 -27.95
CA ASN D 119 15.01 -18.38 -29.16
C ASN D 119 14.14 -17.87 -30.31
N GLU D 120 12.92 -18.37 -30.42
CA GLU D 120 12.00 -17.91 -31.46
C GLU D 120 11.64 -16.44 -31.25
N GLU D 121 11.31 -16.07 -30.01
CA GLU D 121 10.98 -14.68 -29.71
C GLU D 121 12.17 -13.77 -29.98
N VAL D 122 13.37 -14.21 -29.57
CA VAL D 122 14.56 -13.41 -29.80
C VAL D 122 14.80 -13.24 -31.30
N ASP D 123 14.58 -14.30 -32.07
CA ASP D 123 14.75 -14.21 -33.51
C ASP D 123 13.79 -13.21 -34.12
N GLU D 124 12.52 -13.27 -33.72
CA GLU D 124 11.54 -12.31 -34.23
C GLU D 124 11.93 -10.88 -33.87
N MET D 125 12.27 -10.64 -32.59
CA MET D 125 12.62 -9.30 -32.15
C MET D 125 13.84 -8.78 -32.90
N ILE D 126 14.82 -9.65 -33.15
CA ILE D 126 16.00 -9.24 -33.90
C ILE D 126 15.64 -8.94 -35.34
N ARG D 127 14.71 -9.73 -35.91
CA ARG D 127 14.30 -9.50 -37.29
C ARG D 127 13.59 -8.16 -37.45
N GLU D 128 12.87 -7.70 -36.43
CA GLU D 128 12.12 -6.46 -36.57
C GLU D 128 13.05 -5.24 -36.64
N ALA D 129 14.12 -5.24 -35.88
CA ALA D 129 15.08 -4.13 -35.88
C ALA D 129 16.22 -4.35 -36.86
N ASP D 130 16.19 -5.41 -37.65
CA ASP D 130 17.25 -5.71 -38.60
C ASP D 130 17.05 -4.87 -39.85
N ILE D 131 17.88 -3.83 -40.02
CA ILE D 131 17.76 -2.94 -41.17
C ILE D 131 18.63 -3.42 -42.32
N ASP D 132 19.93 -3.62 -42.07
CA ASP D 132 20.85 -4.00 -43.13
C ASP D 132 20.68 -5.44 -43.59
N GLY D 133 19.95 -6.26 -42.85
CA GLY D 133 19.68 -7.62 -43.27
C GLY D 133 20.86 -8.55 -43.18
N ASP D 134 21.73 -8.36 -42.20
CA ASP D 134 22.92 -9.19 -42.02
C ASP D 134 22.75 -10.24 -40.93
N GLY D 135 21.60 -10.30 -40.27
CA GLY D 135 21.37 -11.29 -39.24
C GLY D 135 21.83 -10.89 -37.86
N GLN D 136 22.33 -9.67 -37.70
CA GLN D 136 22.79 -9.17 -36.40
C GLN D 136 22.45 -7.70 -36.29
N ILE D 137 22.31 -7.24 -35.05
CA ILE D 137 21.88 -5.87 -34.77
C ILE D 137 23.13 -5.05 -34.47
N ASN D 138 23.44 -4.11 -35.35
CA ASN D 138 24.58 -3.22 -35.15
C ASN D 138 24.16 -2.01 -34.32
N TYR D 139 25.12 -1.13 -34.04
CA TYR D 139 24.86 -0.02 -33.11
C TYR D 139 23.72 0.86 -33.61
N GLU D 140 23.73 1.21 -34.90
CA GLU D 140 22.68 2.07 -35.44
C GLU D 140 21.31 1.41 -35.34
N GLU D 141 21.25 0.11 -35.64
CA GLU D 141 19.98 -0.61 -35.53
C GLU D 141 19.49 -0.67 -34.09
N PHE D 142 20.42 -0.83 -33.14
CA PHE D 142 20.04 -0.82 -31.73
C PHE D 142 19.49 0.54 -31.32
N VAL D 143 20.16 1.61 -31.75
CA VAL D 143 19.68 2.95 -31.43
C VAL D 143 18.31 3.18 -32.07
N LYS D 144 18.12 2.69 -33.29
CA LYS D 144 16.84 2.82 -33.95
C LYS D 144 15.76 2.08 -33.19
N MET D 145 16.10 0.94 -32.61
CA MET D 145 15.18 0.21 -31.74
C MET D 145 14.78 1.06 -30.53
N GLY E 1 -20.45 3.96 -6.12
CA GLY E 1 -19.78 4.01 -4.79
C GLY E 1 -18.42 4.68 -4.84
N ILE E 2 -17.36 3.87 -4.96
CA ILE E 2 -16.02 4.42 -5.10
C ILE E 2 -15.85 5.06 -6.47
N GLY E 3 -16.72 4.73 -7.44
CA GLY E 3 -16.58 5.31 -8.77
C GLY E 3 -16.74 6.81 -8.77
N ALA E 4 -17.74 7.32 -8.05
CA ALA E 4 -17.98 8.76 -8.03
C ALA E 4 -16.86 9.49 -7.29
N VAL E 5 -16.43 8.95 -6.14
CA VAL E 5 -15.33 9.55 -5.40
C VAL E 5 -14.08 9.62 -6.29
N LEU E 6 -13.81 8.55 -7.02
CA LEU E 6 -12.66 8.54 -7.93
C LEU E 6 -12.83 9.57 -9.03
N LYS E 7 -14.03 9.64 -9.64
CA LYS E 7 -14.26 10.61 -10.70
C LYS E 7 -14.02 12.03 -10.19
N VAL E 8 -14.33 12.29 -8.92
CA VAL E 8 -14.11 13.62 -8.38
C VAL E 8 -12.64 13.86 -8.08
N LEU E 9 -11.94 12.84 -7.58
CA LEU E 9 -10.63 13.03 -6.98
C LEU E 9 -9.47 12.52 -7.83
N THR E 10 -9.72 11.93 -9.00
CA THR E 10 -8.65 11.39 -9.82
C THR E 10 -8.75 11.82 -11.28
N THR E 11 -9.62 12.77 -11.61
CA THR E 11 -9.78 13.20 -12.99
C THR E 11 -9.34 14.66 -13.13
N GLY E 12 -10.29 15.59 -13.26
CA GLY E 12 -9.97 16.98 -13.51
C GLY E 12 -9.41 17.73 -12.31
N LEU E 13 -9.93 17.42 -11.12
CA LEU E 13 -9.53 18.18 -9.92
C LEU E 13 -8.07 18.00 -9.61
N PRO E 14 -7.53 16.80 -9.43
CA PRO E 14 -6.09 16.67 -9.14
C PRO E 14 -5.22 17.19 -10.26
N ALA E 15 -5.65 17.04 -11.51
CA ALA E 15 -4.88 17.58 -12.63
C ALA E 15 -4.78 19.10 -12.54
N LEU E 16 -5.88 19.76 -12.21
CA LEU E 16 -5.85 21.22 -12.05
C LEU E 16 -4.96 21.61 -10.87
N ILE E 17 -5.06 20.88 -9.76
CA ILE E 17 -4.23 21.21 -8.60
C ILE E 17 -2.76 21.04 -8.93
N SER E 18 -2.42 20.00 -9.70
CA SER E 18 -1.04 19.77 -10.08
C SER E 18 -0.56 20.84 -11.06
N TRP E 19 -1.42 21.24 -12.00
CA TRP E 19 -1.07 22.33 -12.90
C TRP E 19 -0.79 23.61 -12.13
N ILE E 20 -1.55 23.85 -11.05
CA ILE E 20 -1.33 25.05 -10.26
C ILE E 20 -0.05 24.93 -9.43
N LYS E 21 0.24 23.73 -8.92
CA LYS E 21 1.42 23.55 -8.09
C LYS E 21 2.71 23.59 -8.91
N ARG E 22 2.66 23.16 -10.16
CA ARG E 22 3.84 23.25 -11.02
C ARG E 22 4.31 24.68 -11.23
N LYS E 23 3.55 25.67 -10.76
CA LYS E 23 3.91 27.07 -10.87
C LYS E 23 4.66 27.58 -9.63
N ARG E 24 5.10 26.70 -8.75
CA ARG E 24 5.79 27.09 -7.53
C ARG E 24 7.30 27.00 -7.71
N GLN E 25 8.00 27.76 -6.89
CA GLN E 25 9.46 27.80 -6.92
C GLN E 25 10.07 26.40 -6.92
N GLY F 1 -11.45 11.99 18.17
CA GLY F 1 -10.64 13.18 17.74
C GLY F 1 -9.58 13.54 18.76
N ILE F 2 -9.46 14.84 19.07
CA ILE F 2 -8.50 15.28 20.07
C ILE F 2 -8.84 14.68 21.43
N GLY F 3 -10.12 14.39 21.67
CA GLY F 3 -10.49 13.78 22.94
C GLY F 3 -9.88 12.41 23.14
N ALA F 4 -9.82 11.60 22.07
CA ALA F 4 -9.23 10.28 22.17
C ALA F 4 -7.73 10.37 22.45
N VAL F 5 -7.03 11.26 21.74
CA VAL F 5 -5.61 11.44 21.98
C VAL F 5 -5.37 11.90 23.41
N LEU F 6 -6.19 12.83 23.90
CA LEU F 6 -6.04 13.30 25.27
C LEU F 6 -6.29 12.18 26.26
N LYS F 7 -7.30 11.35 26.02
CA LYS F 7 -7.57 10.23 26.93
C LYS F 7 -6.38 9.29 26.98
N VAL F 8 -5.80 8.99 25.82
CA VAL F 8 -4.66 8.08 25.80
C VAL F 8 -3.47 8.70 26.52
N LEU F 9 -3.23 10.00 26.31
CA LEU F 9 -1.98 10.61 26.74
C LEU F 9 -2.05 11.30 28.09
N THR F 10 -3.25 11.67 28.57
CA THR F 10 -3.38 12.50 29.76
C THR F 10 -4.20 11.83 30.86
N THR F 11 -4.31 10.50 30.83
CA THR F 11 -5.06 9.80 31.87
C THR F 11 -4.12 8.92 32.70
N GLY F 12 -3.83 7.73 32.20
CA GLY F 12 -2.98 6.79 32.92
C GLY F 12 -1.51 6.99 32.65
N LEU F 13 -1.16 7.27 31.40
CA LEU F 13 0.25 7.44 31.04
C LEU F 13 0.95 8.55 31.82
N PRO F 14 0.35 9.73 32.02
CA PRO F 14 1.06 10.75 32.82
C PRO F 14 1.40 10.26 34.21
N ALA F 15 0.49 9.50 34.84
CA ALA F 15 0.75 8.97 36.16
C ALA F 15 1.93 8.01 36.16
N LEU F 16 1.96 7.11 35.17
CA LEU F 16 3.07 6.15 35.10
C LEU F 16 4.39 6.86 34.84
N ILE F 17 4.40 7.82 33.92
CA ILE F 17 5.64 8.54 33.62
C ILE F 17 6.10 9.33 34.84
N SER F 18 5.16 9.88 35.60
CA SER F 18 5.52 10.65 36.79
C SER F 18 6.07 9.75 37.88
N TRP F 19 5.49 8.56 38.04
CA TRP F 19 6.04 7.55 38.93
C TRP F 19 7.48 7.20 38.55
N ILE F 20 7.70 6.93 37.26
CA ILE F 20 9.04 6.63 36.79
C ILE F 20 10.00 7.78 37.14
N LYS F 21 9.59 9.01 36.83
CA LYS F 21 10.48 10.15 37.06
C LYS F 21 10.68 10.42 38.55
N ARG F 22 9.70 10.07 39.39
CA ARG F 22 9.87 10.20 40.83
C ARG F 22 10.85 9.18 41.35
N LYS F 23 10.98 8.03 40.67
CA LYS F 23 11.94 7.03 41.10
C LYS F 23 13.38 7.47 40.90
N ARG F 24 13.62 8.51 40.10
CA ARG F 24 14.98 8.94 39.82
C ARG F 24 15.59 9.71 40.98
N GLY G 3 8.35 -23.89 1.29
CA GLY G 3 7.15 -24.06 0.50
C GLY G 3 5.97 -24.55 1.32
N ALA G 4 5.87 -24.07 2.56
CA ALA G 4 4.76 -24.48 3.42
C ALA G 4 3.43 -24.00 2.85
N VAL G 5 3.34 -22.71 2.50
CA VAL G 5 2.08 -22.17 2.00
C VAL G 5 1.72 -22.81 0.67
N LEU G 6 2.72 -23.02 -0.19
CA LEU G 6 2.45 -23.65 -1.48
C LEU G 6 1.85 -25.05 -1.30
N LYS G 7 2.47 -25.86 -0.43
CA LYS G 7 1.98 -27.22 -0.24
C LYS G 7 0.62 -27.23 0.45
N VAL G 8 0.37 -26.29 1.37
CA VAL G 8 -0.96 -26.22 1.97
C VAL G 8 -2.00 -25.86 0.92
N LEU G 9 -1.68 -24.91 0.04
CA LEU G 9 -2.61 -24.55 -1.02
C LEU G 9 -2.86 -25.75 -1.95
N THR G 10 -1.80 -26.47 -2.32
CA THR G 10 -1.96 -27.62 -3.20
C THR G 10 -2.72 -28.74 -2.51
N THR G 11 -2.65 -28.82 -1.19
CA THR G 11 -3.42 -29.81 -0.45
C THR G 11 -4.89 -29.42 -0.34
N GLY G 12 -5.18 -28.13 -0.23
CA GLY G 12 -6.53 -27.69 0.08
C GLY G 12 -7.38 -27.24 -1.09
N LEU G 13 -6.74 -26.82 -2.18
CA LEU G 13 -7.48 -26.27 -3.32
C LEU G 13 -8.34 -27.32 -4.00
N PRO G 14 -7.88 -28.58 -4.13
CA PRO G 14 -8.76 -29.61 -4.71
C PRO G 14 -10.13 -29.63 -4.04
N ALA G 15 -10.15 -29.83 -2.72
CA ALA G 15 -11.42 -29.97 -2.01
C ALA G 15 -12.20 -28.66 -2.00
N LEU G 16 -11.51 -27.53 -1.88
CA LEU G 16 -12.20 -26.24 -1.85
C LEU G 16 -12.89 -25.97 -3.19
N ILE G 17 -12.16 -26.14 -4.30
CA ILE G 17 -12.73 -25.92 -5.62
C ILE G 17 -13.85 -26.93 -5.88
N SER G 18 -13.67 -28.18 -5.45
CA SER G 18 -14.71 -29.17 -5.62
C SER G 18 -15.98 -28.76 -4.90
N TRP G 19 -15.85 -28.26 -3.67
CA TRP G 19 -17.01 -27.78 -2.92
C TRP G 19 -17.66 -26.60 -3.64
N ILE G 20 -16.85 -25.65 -4.10
CA ILE G 20 -17.40 -24.47 -4.77
C ILE G 20 -18.22 -24.89 -5.99
N LYS G 21 -17.68 -25.80 -6.79
CA LYS G 21 -18.37 -26.19 -8.02
C LYS G 21 -19.55 -27.12 -7.75
N ARG G 22 -19.49 -27.91 -6.68
CA ARG G 22 -20.66 -28.69 -6.28
C ARG G 22 -21.79 -27.80 -5.79
N LYS G 23 -21.45 -26.66 -5.17
CA LYS G 23 -22.48 -25.73 -4.73
C LYS G 23 -23.04 -24.92 -5.89
N ARG G 24 -22.18 -24.51 -6.82
CA ARG G 24 -22.63 -23.73 -7.96
C ARG G 24 -23.41 -24.60 -8.95
N GLN G 25 -23.14 -25.90 -8.99
CA GLN G 25 -23.93 -26.79 -9.83
C GLN G 25 -25.38 -26.82 -9.36
N GLN G 26 -25.59 -27.07 -8.07
CA GLN G 26 -26.93 -27.13 -7.51
C GLN G 26 -27.35 -25.78 -6.92
N GLY H 3 25.57 4.95 -14.11
CA GLY H 3 24.55 5.98 -14.19
C GLY H 3 23.88 6.03 -15.55
N ALA H 4 24.66 5.69 -16.58
CA ALA H 4 24.13 5.68 -17.94
C ALA H 4 23.30 4.43 -18.22
N VAL H 5 23.77 3.27 -17.75
CA VAL H 5 23.07 2.03 -18.05
C VAL H 5 21.66 2.06 -17.47
N LEU H 6 21.51 2.51 -16.22
CA LEU H 6 20.19 2.54 -15.61
C LEU H 6 19.30 3.57 -16.29
N LYS H 7 19.88 4.71 -16.67
CA LYS H 7 19.10 5.74 -17.36
C LYS H 7 18.56 5.21 -18.68
N VAL H 8 19.34 4.39 -19.39
CA VAL H 8 18.85 3.82 -20.64
C VAL H 8 17.85 2.70 -20.37
N LEU H 9 18.10 1.91 -19.33
CA LEU H 9 17.23 0.78 -19.02
C LEU H 9 15.83 1.25 -18.69
N THR H 10 15.70 2.18 -17.74
CA THR H 10 14.38 2.61 -17.32
C THR H 10 13.56 3.16 -18.47
N THR H 11 14.21 3.64 -19.53
CA THR H 11 13.49 4.21 -20.67
C THR H 11 13.17 3.17 -21.72
N GLY H 12 14.07 2.24 -21.99
CA GLY H 12 13.89 1.31 -23.08
C GLY H 12 13.23 -0.01 -22.71
N LEU H 13 13.26 -0.35 -21.43
CA LEU H 13 12.73 -1.62 -20.95
CA LEU H 13 12.73 -1.62 -20.93
C LEU H 13 11.22 -1.68 -21.06
N PRO H 14 10.48 -0.62 -20.72
CA PRO H 14 9.01 -0.70 -20.88
C PRO H 14 8.60 -1.00 -22.30
N ALA H 15 9.23 -0.33 -23.28
CA ALA H 15 8.91 -0.63 -24.67
C ALA H 15 9.20 -2.09 -25.02
N LEU H 16 10.37 -2.59 -24.59
CA LEU H 16 10.72 -3.98 -24.87
C LEU H 16 9.71 -4.95 -24.26
N ILE H 17 9.31 -4.70 -23.00
CA ILE H 17 8.34 -5.57 -22.36
C ILE H 17 7.01 -5.52 -23.08
N SER H 18 6.63 -4.33 -23.55
CA SER H 18 5.42 -4.20 -24.35
C SER H 18 5.47 -5.14 -25.55
N TRP H 19 6.60 -5.14 -26.26
CA TRP H 19 6.71 -6.00 -27.43
C TRP H 19 6.65 -7.47 -27.02
N ILE H 20 7.30 -7.82 -25.92
CA ILE H 20 7.32 -9.20 -25.47
C ILE H 20 5.90 -9.69 -25.23
N LYS H 21 5.12 -8.92 -24.47
CA LYS H 21 3.76 -9.32 -24.15
C LYS H 21 2.87 -9.30 -25.39
N ARG H 22 3.11 -8.37 -26.33
CA ARG H 22 2.30 -8.35 -27.54
C ARG H 22 2.56 -9.57 -28.40
N LYS H 23 3.81 -10.03 -28.45
CA LYS H 23 4.11 -11.25 -29.20
C LYS H 23 3.52 -12.48 -28.51
N ARG H 24 3.55 -12.51 -27.17
CA ARG H 24 3.02 -13.66 -26.46
C ARG H 24 1.49 -13.70 -26.46
N GLN H 25 0.83 -12.55 -26.65
CA GLN H 25 -0.63 -12.54 -26.71
C GLN H 25 -1.13 -13.29 -27.93
N GLN H 26 -0.51 -13.07 -29.09
CA GLN H 26 -0.92 -13.72 -30.32
C GLN H 26 -0.07 -14.97 -30.58
#